data_6QTF
# 
_entry.id   6QTF 
# 
_audit_conform.dict_name       mmcif_pdbx.dic 
_audit_conform.dict_version    5.397 
_audit_conform.dict_location   http://mmcif.pdb.org/dictionaries/ascii/mmcif_pdbx.dic 
# 
loop_
_database_2.database_id 
_database_2.database_code 
_database_2.pdbx_database_accession 
_database_2.pdbx_DOI 
PDB   6QTF         pdb_00006qtf 10.2210/pdb6qtf/pdb 
WWPDB D_1292100432 ?            ?                   
BMRB  34363        ?            10.13018/BMR34363   
# 
loop_
_pdbx_audit_revision_history.ordinal 
_pdbx_audit_revision_history.data_content_type 
_pdbx_audit_revision_history.major_revision 
_pdbx_audit_revision_history.minor_revision 
_pdbx_audit_revision_history.revision_date 
1 'Structure model' 1 0 2019-09-11 
2 'Structure model' 1 1 2019-10-02 
3 'Structure model' 1 2 2023-06-14 
4 'Structure model' 1 3 2024-10-16 
# 
_pdbx_audit_revision_details.ordinal             1 
_pdbx_audit_revision_details.revision_ordinal    1 
_pdbx_audit_revision_details.data_content_type   'Structure model' 
_pdbx_audit_revision_details.provider            repository 
_pdbx_audit_revision_details.type                'Initial release' 
_pdbx_audit_revision_details.description         ? 
_pdbx_audit_revision_details.details             ? 
# 
loop_
_pdbx_audit_revision_group.ordinal 
_pdbx_audit_revision_group.revision_ordinal 
_pdbx_audit_revision_group.data_content_type 
_pdbx_audit_revision_group.group 
1 2 'Structure model' 'Data collection'     
2 2 'Structure model' 'Database references' 
3 3 'Structure model' 'Database references' 
4 3 'Structure model' Other                 
5 4 'Structure model' 'Data collection'     
6 4 'Structure model' 'Database references' 
7 4 'Structure model' 'Structure summary'   
# 
loop_
_pdbx_audit_revision_category.ordinal 
_pdbx_audit_revision_category.revision_ordinal 
_pdbx_audit_revision_category.data_content_type 
_pdbx_audit_revision_category.category 
1 2 'Structure model' citation                  
2 2 'Structure model' citation_author           
3 3 'Structure model' database_2                
4 3 'Structure model' pdbx_database_status      
5 4 'Structure model' chem_comp_atom            
6 4 'Structure model' chem_comp_bond            
7 4 'Structure model' database_2                
8 4 'Structure model' pdbx_entry_details        
9 4 'Structure model' pdbx_modification_feature 
# 
loop_
_pdbx_audit_revision_item.ordinal 
_pdbx_audit_revision_item.revision_ordinal 
_pdbx_audit_revision_item.data_content_type 
_pdbx_audit_revision_item.item 
1 2 'Structure model' '_citation.journal_volume'                   
2 2 'Structure model' '_citation.page_first'                       
3 2 'Structure model' '_citation.page_last'                        
4 2 'Structure model' '_citation_author.identifier_ORCID'          
5 3 'Structure model' '_database_2.pdbx_DOI'                       
6 3 'Structure model' '_database_2.pdbx_database_accession'        
7 3 'Structure model' '_pdbx_database_status.status_code_nmr_data' 
8 4 'Structure model' '_database_2.pdbx_DOI'                       
# 
_pdbx_database_status.status_code                     REL 
_pdbx_database_status.status_code_sf                  ? 
_pdbx_database_status.status_code_mr                  REL 
_pdbx_database_status.entry_id                        6QTF 
_pdbx_database_status.recvd_initial_deposition_date   2019-02-25 
_pdbx_database_status.SG_entry                        N 
_pdbx_database_status.deposit_site                    PDBE 
_pdbx_database_status.process_site                    PDBE 
_pdbx_database_status.status_code_cs                  REL 
_pdbx_database_status.methods_development_category    ? 
_pdbx_database_status.pdb_format_compatible           Y 
_pdbx_database_status.status_code_nmr_data            REL 
# 
loop_
_pdbx_database_related.db_name 
_pdbx_database_related.details 
_pdbx_database_related.db_id 
_pdbx_database_related.content_type 
PDB  .                                                                                                                1WCO  
unspecified 
BMRB .                                                                                                                34360 
unspecified 
PDB  'Solution nmr of synthetic Nisin Ring B (Lan8,11) analogue'                                                      6QM1  
unspecified 
BMRB 'Solution NMR of synthetic analogues of nisin and mutacin ring A and ring B - Mutacin I Ring B, major conformer' 34363 
unspecified 
# 
loop_
_audit_author.name 
_audit_author.pdbx_ordinal 
_audit_author.identifier_ORCID 
'Dickman, R.'    1 0000-0003-3139-5423 
'Mitchell, S.A.' 2 ?                   
'Figueiredo, A.' 3 0000-0001-7039-5341 
'Hansen, D.F.'   4 0000-0003-0891-220X 
'Tabor, A.B.'    5 0000-0001-8216-0347 
# 
loop_
_citation.abstract 
_citation.abstract_id_CAS 
_citation.book_id_ISBN 
_citation.book_publisher 
_citation.book_publisher_city 
_citation.book_title 
_citation.coordinate_linkage 
_citation.country 
_citation.database_id_Medline 
_citation.details 
_citation.id 
_citation.journal_abbrev 
_citation.journal_id_ASTM 
_citation.journal_id_CSD 
_citation.journal_id_ISSN 
_citation.journal_full 
_citation.journal_issue 
_citation.journal_volume 
_citation.language 
_citation.page_first 
_citation.page_last 
_citation.title 
_citation.year 
_citation.database_id_CSD 
_citation.pdbx_database_id_DOI 
_citation.pdbx_database_id_PubMed 
_citation.unpublished_flag 
? ? ? ? ? ? ? US ? ? primary J.Org.Chem.       JOCEAH 0035 0022-3263 ? ? 84 ? 11493 11512 
;Molecular Recognition of Lipid II by Lantibiotics: Synthesis and Conformational Studies of Analogues of Nisin and Mutacin Rings A and B.
;
2019 ? 10.1021/acs.joc.9b01253 31464129 ? 
? ? ? ? ? ? ? ?  ? ? 1       'To Be Published' ?      0353 ?         ? ? ?  ? ?     ?     
;A chemical biology approach to understanding molecular recognition of lipid II by nisin: Solid-phase synthesis and NMR ensemble analysis of nisin(1-12) and a synthetic analogue.
;
?    ? ?                       ?        ? 
# 
loop_
_citation_author.citation_id 
_citation_author.name 
_citation_author.ordinal 
_citation_author.identifier_ORCID 
primary 'Dickman, R.'      1  ?                   
primary 'Mitchell, S.A.'   2  ?                   
primary 'Figueiredo, A.M.' 3  ?                   
primary 'Hansen, D.F.'     4  ?                   
primary 'Tabor, A.B.'      5  ?                   
1       'Dickman, R.'      6  0000-0003-3139-5423 
1       'Danelius, E.'     7  0000-0002-7322-9661 
1       'Mitchell, S.A.'   8  ?                   
1       'Hansen, D.F.'     9  0000-0003-0891-220X 
1       'Erdelyi, M.'      10 0000-0003-0359-5970 
1       'Tabor, A.B.'      11 0000-0001-8216-0347 
# 
_entity.id                         1 
_entity.type                       polymer 
_entity.src_method                 syn 
_entity.pdbx_description           DCY-LEU-GLY-ALA-THR 
_entity.formula_weight             463.549 
_entity.pdbx_number_of_molecules   1 
_entity.pdbx_ec                    ? 
_entity.pdbx_mutation              ? 
_entity.pdbx_fragment              ? 
_entity.details                    ? 
# 
_entity_poly.entity_id                      1 
_entity_poly.type                           'polypeptide(L)' 
_entity_poly.nstd_linkage                   no 
_entity_poly.nstd_monomer                   yes 
_entity_poly.pdbx_seq_one_letter_code       '(DCY)LGAT' 
_entity_poly.pdbx_seq_one_letter_code_can   CLGAT 
_entity_poly.pdbx_strand_id                 A 
_entity_poly.pdbx_target_identifier         ? 
# 
loop_
_entity_poly_seq.entity_id 
_entity_poly_seq.num 
_entity_poly_seq.mon_id 
_entity_poly_seq.hetero 
1 1 DCY n 
1 2 LEU n 
1 3 GLY n 
1 4 ALA n 
1 5 THR n 
# 
_pdbx_entity_src_syn.entity_id              1 
_pdbx_entity_src_syn.pdbx_src_id            1 
_pdbx_entity_src_syn.pdbx_alt_source_flag   sample 
_pdbx_entity_src_syn.pdbx_beg_seq_num       1 
_pdbx_entity_src_syn.pdbx_end_seq_num       5 
_pdbx_entity_src_syn.organism_scientific    'Lactococcus lactis' 
_pdbx_entity_src_syn.organism_common_name   ? 
_pdbx_entity_src_syn.ncbi_taxonomy_id       1358 
_pdbx_entity_src_syn.details                ? 
# 
loop_
_chem_comp.id 
_chem_comp.type 
_chem_comp.mon_nstd_flag 
_chem_comp.name 
_chem_comp.pdbx_synonyms 
_chem_comp.formula 
_chem_comp.formula_weight 
ALA 'L-peptide linking' y ALANINE    ? 'C3 H7 N O2'   89.093  
DCY 'D-peptide linking' . D-CYSTEINE ? 'C3 H7 N O2 S' 121.158 
GLY 'peptide linking'   y GLYCINE    ? 'C2 H5 N O2'   75.067  
LEU 'L-peptide linking' y LEUCINE    ? 'C6 H13 N O2'  131.173 
THR 'L-peptide linking' y THREONINE  ? 'C4 H9 N O3'   119.119 
# 
loop_
_pdbx_poly_seq_scheme.asym_id 
_pdbx_poly_seq_scheme.entity_id 
_pdbx_poly_seq_scheme.seq_id 
_pdbx_poly_seq_scheme.mon_id 
_pdbx_poly_seq_scheme.ndb_seq_num 
_pdbx_poly_seq_scheme.pdb_seq_num 
_pdbx_poly_seq_scheme.auth_seq_num 
_pdbx_poly_seq_scheme.pdb_mon_id 
_pdbx_poly_seq_scheme.auth_mon_id 
_pdbx_poly_seq_scheme.pdb_strand_id 
_pdbx_poly_seq_scheme.pdb_ins_code 
_pdbx_poly_seq_scheme.hetero 
A 1 1 DCY 1 1 1 DCY DAL A . n 
A 1 2 LEU 2 2 2 LEU LEU A . n 
A 1 3 GLY 3 3 3 GLY GLY A . n 
A 1 4 ALA 4 4 4 ALA CYS A . n 
A 1 5 THR 5 5 5 THR THR A . n 
# 
_exptl.absorpt_coefficient_mu     ? 
_exptl.absorpt_correction_T_max   ? 
_exptl.absorpt_correction_T_min   ? 
_exptl.absorpt_correction_type    ? 
_exptl.absorpt_process_details    ? 
_exptl.entry_id                   6QTF 
_exptl.crystals_number            ? 
_exptl.details                    ? 
_exptl.method                     'SOLUTION NMR' 
_exptl.method_details             ? 
# 
_struct.entry_id                     6QTF 
_struct.title                        
'Solution NMR of synthetic analogues of nisin and mutacin ring A and ring B - Mutacin I Ring B, major conformer' 
_struct.pdbx_model_details           ? 
_struct.pdbx_formula_weight          ? 
_struct.pdbx_formula_weight_method   ? 
_struct.pdbx_model_type_details      ? 
_struct.pdbx_CASP_flag               N 
# 
_struct_keywords.entry_id        6QTF 
_struct_keywords.text            'PEPTIDE ANTIBIOTIC, LANTIBIOTIC, ANTIMICROBIAL, BACTERIOCIN, THIOESTER, ANTIBIOTIC' 
_struct_keywords.pdbx_keywords   ANTIBIOTIC 
# 
_struct_asym.id                            A 
_struct_asym.pdbx_blank_PDB_chainid_flag   N 
_struct_asym.pdbx_modified                 N 
_struct_asym.entity_id                     1 
_struct_asym.details                       ? 
# 
_struct_ref.id                         1 
_struct_ref.db_name                    PDB 
_struct_ref.db_code                    6QTF 
_struct_ref.pdbx_db_accession          6QTF 
_struct_ref.pdbx_db_isoform            ? 
_struct_ref.entity_id                  1 
_struct_ref.pdbx_seq_one_letter_code   ? 
_struct_ref.pdbx_align_begin           1 
# 
_struct_ref_seq.align_id                      1 
_struct_ref_seq.ref_id                        1 
_struct_ref_seq.pdbx_PDB_id_code              6QTF 
_struct_ref_seq.pdbx_strand_id                A 
_struct_ref_seq.seq_align_beg                 1 
_struct_ref_seq.pdbx_seq_align_beg_ins_code   ? 
_struct_ref_seq.seq_align_end                 5 
_struct_ref_seq.pdbx_seq_align_end_ins_code   ? 
_struct_ref_seq.pdbx_db_accession             6QTF 
_struct_ref_seq.db_align_beg                  1 
_struct_ref_seq.pdbx_db_align_beg_ins_code    ? 
_struct_ref_seq.db_align_end                  5 
_struct_ref_seq.pdbx_db_align_end_ins_code    ? 
_struct_ref_seq.pdbx_auth_seq_align_beg       1 
_struct_ref_seq.pdbx_auth_seq_align_end       5 
# 
_pdbx_struct_assembly.id                   1 
_pdbx_struct_assembly.details              author_and_software_defined_assembly 
_pdbx_struct_assembly.method_details       PISA 
_pdbx_struct_assembly.oligomeric_details   monomeric 
_pdbx_struct_assembly.oligomeric_count     1 
# 
loop_
_pdbx_struct_assembly_prop.biol_id 
_pdbx_struct_assembly_prop.type 
_pdbx_struct_assembly_prop.value 
_pdbx_struct_assembly_prop.details 
1 'ABSA (A^2)' 0   ? 
1 MORE         0   ? 
1 'SSA (A^2)'  600 ? 
# 
_pdbx_struct_assembly_gen.assembly_id       1 
_pdbx_struct_assembly_gen.oper_expression   1 
_pdbx_struct_assembly_gen.asym_id_list      A 
# 
_pdbx_struct_assembly_auth_evidence.id                     1 
_pdbx_struct_assembly_auth_evidence.assembly_id            1 
_pdbx_struct_assembly_auth_evidence.experimental_support   none 
_pdbx_struct_assembly_auth_evidence.details                ? 
# 
_pdbx_struct_oper_list.id                   1 
_pdbx_struct_oper_list.type                 'identity operation' 
_pdbx_struct_oper_list.name                 1_555 
_pdbx_struct_oper_list.symmetry_operation   ? 
_pdbx_struct_oper_list.matrix[1][1]         1.0000000000 
_pdbx_struct_oper_list.matrix[1][2]         0.0000000000 
_pdbx_struct_oper_list.matrix[1][3]         0.0000000000 
_pdbx_struct_oper_list.vector[1]            0.0000000000 
_pdbx_struct_oper_list.matrix[2][1]         0.0000000000 
_pdbx_struct_oper_list.matrix[2][2]         1.0000000000 
_pdbx_struct_oper_list.matrix[2][3]         0.0000000000 
_pdbx_struct_oper_list.vector[2]            0.0000000000 
_pdbx_struct_oper_list.matrix[3][1]         0.0000000000 
_pdbx_struct_oper_list.matrix[3][2]         0.0000000000 
_pdbx_struct_oper_list.matrix[3][3]         1.0000000000 
_pdbx_struct_oper_list.vector[3]            0.0000000000 
# 
loop_
_struct_conn.id 
_struct_conn.conn_type_id 
_struct_conn.pdbx_leaving_atom_flag 
_struct_conn.pdbx_PDB_id 
_struct_conn.ptnr1_label_asym_id 
_struct_conn.ptnr1_label_comp_id 
_struct_conn.ptnr1_label_seq_id 
_struct_conn.ptnr1_label_atom_id 
_struct_conn.pdbx_ptnr1_label_alt_id 
_struct_conn.pdbx_ptnr1_PDB_ins_code 
_struct_conn.pdbx_ptnr1_standard_comp_id 
_struct_conn.ptnr1_symmetry 
_struct_conn.ptnr2_label_asym_id 
_struct_conn.ptnr2_label_comp_id 
_struct_conn.ptnr2_label_seq_id 
_struct_conn.ptnr2_label_atom_id 
_struct_conn.pdbx_ptnr2_label_alt_id 
_struct_conn.pdbx_ptnr2_PDB_ins_code 
_struct_conn.ptnr1_auth_asym_id 
_struct_conn.ptnr1_auth_comp_id 
_struct_conn.ptnr1_auth_seq_id 
_struct_conn.ptnr2_auth_asym_id 
_struct_conn.ptnr2_auth_comp_id 
_struct_conn.ptnr2_auth_seq_id 
_struct_conn.ptnr2_symmetry 
_struct_conn.pdbx_ptnr3_label_atom_id 
_struct_conn.pdbx_ptnr3_label_seq_id 
_struct_conn.pdbx_ptnr3_label_comp_id 
_struct_conn.pdbx_ptnr3_label_asym_id 
_struct_conn.pdbx_ptnr3_label_alt_id 
_struct_conn.pdbx_ptnr3_PDB_ins_code 
_struct_conn.details 
_struct_conn.pdbx_dist_value 
_struct_conn.pdbx_value_order 
_struct_conn.pdbx_role 
covale1 covale both ? A DCY 1 C  ? ? ? 1_555 A LEU 2 N  ? ? A DCY 1 A LEU 2 1_555 ? ? ? ? ? ? ? 1.330 ? ? 
covale2 covale none ? A DCY 1 SG ? ? ? 1_555 A ALA 4 CB ? ? A DCY 1 A ALA 4 1_555 ? ? ? ? ? ? ? 1.819 ? ? 
# 
_struct_conn_type.id          covale 
_struct_conn_type.criteria    ? 
_struct_conn_type.reference   ? 
# 
_pdbx_modification_feature.ordinal                            1 
_pdbx_modification_feature.label_comp_id                      DCY 
_pdbx_modification_feature.label_asym_id                      A 
_pdbx_modification_feature.label_seq_id                       1 
_pdbx_modification_feature.label_alt_id                       ? 
_pdbx_modification_feature.modified_residue_label_comp_id     ALA 
_pdbx_modification_feature.modified_residue_label_asym_id     A 
_pdbx_modification_feature.modified_residue_label_seq_id      4 
_pdbx_modification_feature.modified_residue_label_alt_id      ? 
_pdbx_modification_feature.auth_comp_id                       DCY 
_pdbx_modification_feature.auth_asym_id                       A 
_pdbx_modification_feature.auth_seq_id                        1 
_pdbx_modification_feature.PDB_ins_code                       ? 
_pdbx_modification_feature.symmetry                           1_555 
_pdbx_modification_feature.modified_residue_auth_comp_id      ALA 
_pdbx_modification_feature.modified_residue_auth_asym_id      A 
_pdbx_modification_feature.modified_residue_auth_seq_id       4 
_pdbx_modification_feature.modified_residue_PDB_ins_code      ? 
_pdbx_modification_feature.modified_residue_symmetry          1_555 
_pdbx_modification_feature.comp_id_linking_atom               SG 
_pdbx_modification_feature.modified_residue_id_linking_atom   CB 
_pdbx_modification_feature.modified_residue_id                . 
_pdbx_modification_feature.ref_pcm_id                         . 
_pdbx_modification_feature.ref_comp_id                        . 
_pdbx_modification_feature.type                               None 
_pdbx_modification_feature.category                           'Non-standard linkage' 
# 
_pdbx_entry_details.entry_id                   6QTF 
_pdbx_entry_details.compound_details           ? 
_pdbx_entry_details.source_details             ? 
_pdbx_entry_details.nonpolymer_details         ? 
_pdbx_entry_details.sequence_details           ? 
_pdbx_entry_details.has_ligand_of_interest     ? 
_pdbx_entry_details.has_protein_modification   Y 
# 
loop_
_pdbx_validate_close_contact.id 
_pdbx_validate_close_contact.PDB_model_num 
_pdbx_validate_close_contact.auth_atom_id_1 
_pdbx_validate_close_contact.auth_asym_id_1 
_pdbx_validate_close_contact.auth_comp_id_1 
_pdbx_validate_close_contact.auth_seq_id_1 
_pdbx_validate_close_contact.PDB_ins_code_1 
_pdbx_validate_close_contact.label_alt_id_1 
_pdbx_validate_close_contact.auth_atom_id_2 
_pdbx_validate_close_contact.auth_asym_id_2 
_pdbx_validate_close_contact.auth_comp_id_2 
_pdbx_validate_close_contact.auth_seq_id_2 
_pdbx_validate_close_contact.PDB_ins_code_2 
_pdbx_validate_close_contact.label_alt_id_2 
_pdbx_validate_close_contact.dist 
1  1  O A DCY 1 ? ? H A GLY 3 ? ? 1.54 
2  2  O A DCY 1 ? ? H A GLY 3 ? ? 1.54 
3  3  O A DCY 1 ? ? H A GLY 3 ? ? 1.51 
4  4  O A DCY 1 ? ? H A GLY 3 ? ? 1.53 
5  5  O A DCY 1 ? ? H A GLY 3 ? ? 1.51 
6  6  O A DCY 1 ? ? H A GLY 3 ? ? 1.53 
7  7  O A DCY 1 ? ? H A GLY 3 ? ? 1.55 
8  8  O A DCY 1 ? ? H A GLY 3 ? ? 1.51 
9  9  O A DCY 1 ? ? H A GLY 3 ? ? 1.52 
10 10 O A DCY 1 ? ? H A GLY 3 ? ? 1.54 
11 11 O A DCY 1 ? ? H A GLY 3 ? ? 1.54 
12 12 O A DCY 1 ? ? H A GLY 3 ? ? 1.51 
13 13 O A DCY 1 ? ? H A GLY 3 ? ? 1.52 
14 14 O A DCY 1 ? ? H A GLY 3 ? ? 1.53 
15 15 O A DCY 1 ? ? H A GLY 3 ? ? 1.54 
# 
loop_
_pdbx_validate_torsion.id 
_pdbx_validate_torsion.PDB_model_num 
_pdbx_validate_torsion.auth_comp_id 
_pdbx_validate_torsion.auth_asym_id 
_pdbx_validate_torsion.auth_seq_id 
_pdbx_validate_torsion.PDB_ins_code 
_pdbx_validate_torsion.label_alt_id 
_pdbx_validate_torsion.phi 
_pdbx_validate_torsion.psi 
1  1  LEU A 2 ? ? -58.49 69.12 
2  2  LEU A 2 ? ? -56.96 70.08 
3  3  LEU A 2 ? ? -59.16 68.50 
4  4  LEU A 2 ? ? -58.04 69.44 
5  5  LEU A 2 ? ? -59.05 68.36 
6  6  LEU A 2 ? ? -63.78 66.10 
7  7  LEU A 2 ? ? -60.65 68.62 
8  8  LEU A 2 ? ? -59.36 68.09 
9  9  LEU A 2 ? ? -59.18 68.49 
10 10 LEU A 2 ? ? -57.49 69.94 
11 11 LEU A 2 ? ? -57.55 69.71 
12 12 LEU A 2 ? ? -59.52 68.07 
13 13 LEU A 2 ? ? -59.94 68.39 
14 14 LEU A 2 ? ? -58.43 69.11 
15 15 LEU A 2 ? ? -58.84 70.39 
# 
_pdbx_nmr_ensemble.entry_id                                      6QTF 
_pdbx_nmr_ensemble.conformers_calculated_total_number            100 
_pdbx_nmr_ensemble.conformers_submitted_total_number             15 
_pdbx_nmr_ensemble.conformer_selection_criteria                  'structures with the lowest energy' 
_pdbx_nmr_ensemble.representative_conformer                      ? 
_pdbx_nmr_ensemble.average_constraints_per_residue               ? 
_pdbx_nmr_ensemble.average_constraint_violations_per_residue     ? 
_pdbx_nmr_ensemble.maximum_distance_constraint_violation         ? 
_pdbx_nmr_ensemble.average_distance_constraint_violation         ? 
_pdbx_nmr_ensemble.maximum_upper_distance_constraint_violation   ? 
_pdbx_nmr_ensemble.maximum_lower_distance_constraint_violation   ? 
_pdbx_nmr_ensemble.distance_constraint_violation_method          ? 
_pdbx_nmr_ensemble.maximum_torsion_angle_constraint_violation    ? 
_pdbx_nmr_ensemble.average_torsion_angle_constraint_violation    ? 
_pdbx_nmr_ensemble.torsion_angle_constraint_violation_method     ? 
# 
_pdbx_nmr_representative.entry_id             6QTF 
_pdbx_nmr_representative.conformer_id         1 
_pdbx_nmr_representative.selection_criteria   'closest to the average' 
# 
_pdbx_nmr_sample_details.solution_id      1 
_pdbx_nmr_sample_details.contents         '13.0 mg/mL Mutacin I ring B, DMSO' 
_pdbx_nmr_sample_details.solvent_system   DMSO 
_pdbx_nmr_sample_details.label            sample_1 
_pdbx_nmr_sample_details.type             'lyophilized powder' 
_pdbx_nmr_sample_details.details          'HPLC purified peptide (TFA salt) was dissolved directly in DMSO' 
# 
_pdbx_nmr_exptl_sample.solution_id           1 
_pdbx_nmr_exptl_sample.component             'Mutacin I ring B' 
_pdbx_nmr_exptl_sample.concentration         13.0 
_pdbx_nmr_exptl_sample.concentration_range   ? 
_pdbx_nmr_exptl_sample.concentration_units   mg/mL 
_pdbx_nmr_exptl_sample.isotopic_labeling     'natural abundance' 
# 
_pdbx_nmr_exptl_sample_conditions.conditions_id          1 
_pdbx_nmr_exptl_sample_conditions.temperature            298 
_pdbx_nmr_exptl_sample_conditions.pressure_units         atm 
_pdbx_nmr_exptl_sample_conditions.pressure               1 
_pdbx_nmr_exptl_sample_conditions.pH                     5.0 
_pdbx_nmr_exptl_sample_conditions.ionic_strength         'TFA salt' 
_pdbx_nmr_exptl_sample_conditions.details                ? 
_pdbx_nmr_exptl_sample_conditions.ionic_strength_err     ? 
_pdbx_nmr_exptl_sample_conditions.ionic_strength_units   'Not defined' 
_pdbx_nmr_exptl_sample_conditions.label                  DMSO_rt 
_pdbx_nmr_exptl_sample_conditions.pH_err                 ? 
_pdbx_nmr_exptl_sample_conditions.pH_units               pH 
_pdbx_nmr_exptl_sample_conditions.pressure_err           ? 
_pdbx_nmr_exptl_sample_conditions.temperature_err        ? 
_pdbx_nmr_exptl_sample_conditions.temperature_units      K 
# 
loop_
_pdbx_nmr_exptl.experiment_id 
_pdbx_nmr_exptl.conditions_id 
_pdbx_nmr_exptl.solution_id 
_pdbx_nmr_exptl.type 
_pdbx_nmr_exptl.spectrometer_id 
_pdbx_nmr_exptl.sample_state 
1 1 1 '2D 1H-1H COSY'  1 isotropic 
2 1 1 '2D 1H-1H NOESY' 1 isotropic 
3 1 1 '2D 1H-13C HSQC' 1 isotropic 
4 1 1 '2D 1H-13C HMBC' 1 isotropic 
# 
_pdbx_nmr_refine.entry_id           6QTF 
_pdbx_nmr_refine.method             'simulated annealing' 
_pdbx_nmr_refine.details            ? 
_pdbx_nmr_refine.software_ordinal   3 
# 
loop_
_pdbx_nmr_software.ordinal 
_pdbx_nmr_software.classification 
_pdbx_nmr_software.name 
_pdbx_nmr_software.version 
_pdbx_nmr_software.authors 
1 'structure calculation'     Xplor-NIH         ? 'Schwieters, Kuszewski, Tjandra and Clore' 
2 'chemical shift assignment' 'CcpNmr Analysis' ? CCPN                                       
3 refinement                  Xplor-NIH         ? 'Schwieters, Kuszewski, Tjandra and Clore' 
4 'peak picking'              'CcpNmr Analysis' ? CCPN                                       
# 
loop_
_chem_comp_atom.comp_id 
_chem_comp_atom.atom_id 
_chem_comp_atom.type_symbol 
_chem_comp_atom.pdbx_aromatic_flag 
_chem_comp_atom.pdbx_stereo_config 
_chem_comp_atom.pdbx_ordinal 
ALA N    N N N 1  
ALA CA   C N S 2  
ALA C    C N N 3  
ALA O    O N N 4  
ALA CB   C N N 5  
ALA OXT  O N N 6  
ALA H    H N N 7  
ALA H2   H N N 8  
ALA HA   H N N 9  
ALA HB1  H N N 10 
ALA HB2  H N N 11 
ALA HB3  H N N 12 
ALA HXT  H N N 13 
DCY N    N N N 14 
DCY CA   C N S 15 
DCY C    C N N 16 
DCY O    O N N 17 
DCY CB   C N N 18 
DCY SG   S N N 19 
DCY OXT  O N N 20 
DCY H    H N N 21 
DCY H2   H N N 22 
DCY HA   H N N 23 
DCY HB2  H N N 24 
DCY HB3  H N N 25 
DCY HG   H N N 26 
DCY HXT  H N N 27 
GLY N    N N N 28 
GLY CA   C N N 29 
GLY C    C N N 30 
GLY O    O N N 31 
GLY OXT  O N N 32 
GLY H    H N N 33 
GLY H2   H N N 34 
GLY HA2  H N N 35 
GLY HA3  H N N 36 
GLY HXT  H N N 37 
LEU N    N N N 38 
LEU CA   C N S 39 
LEU C    C N N 40 
LEU O    O N N 41 
LEU CB   C N N 42 
LEU CG   C N N 43 
LEU CD1  C N N 44 
LEU CD2  C N N 45 
LEU OXT  O N N 46 
LEU H    H N N 47 
LEU H2   H N N 48 
LEU HA   H N N 49 
LEU HB2  H N N 50 
LEU HB3  H N N 51 
LEU HG   H N N 52 
LEU HD11 H N N 53 
LEU HD12 H N N 54 
LEU HD13 H N N 55 
LEU HD21 H N N 56 
LEU HD22 H N N 57 
LEU HD23 H N N 58 
LEU HXT  H N N 59 
THR N    N N N 60 
THR CA   C N S 61 
THR C    C N N 62 
THR O    O N N 63 
THR CB   C N R 64 
THR OG1  O N N 65 
THR CG2  C N N 66 
THR OXT  O N N 67 
THR H    H N N 68 
THR H2   H N N 69 
THR HA   H N N 70 
THR HB   H N N 71 
THR HG1  H N N 72 
THR HG21 H N N 73 
THR HG22 H N N 74 
THR HG23 H N N 75 
THR HXT  H N N 76 
# 
loop_
_chem_comp_bond.comp_id 
_chem_comp_bond.atom_id_1 
_chem_comp_bond.atom_id_2 
_chem_comp_bond.value_order 
_chem_comp_bond.pdbx_aromatic_flag 
_chem_comp_bond.pdbx_stereo_config 
_chem_comp_bond.pdbx_ordinal 
ALA N   CA   sing N N 1  
ALA N   H    sing N N 2  
ALA N   H2   sing N N 3  
ALA CA  C    sing N N 4  
ALA CA  CB   sing N N 5  
ALA CA  HA   sing N N 6  
ALA C   O    doub N N 7  
ALA C   OXT  sing N N 8  
ALA CB  HB1  sing N N 9  
ALA CB  HB2  sing N N 10 
ALA CB  HB3  sing N N 11 
ALA OXT HXT  sing N N 12 
DCY N   CA   sing N N 13 
DCY N   H    sing N N 14 
DCY N   H2   sing N N 15 
DCY CA  C    sing N N 16 
DCY CA  CB   sing N N 17 
DCY CA  HA   sing N N 18 
DCY C   O    doub N N 19 
DCY C   OXT  sing N N 20 
DCY CB  SG   sing N N 21 
DCY CB  HB2  sing N N 22 
DCY CB  HB3  sing N N 23 
DCY SG  HG   sing N N 24 
DCY OXT HXT  sing N N 25 
GLY N   CA   sing N N 26 
GLY N   H    sing N N 27 
GLY N   H2   sing N N 28 
GLY CA  C    sing N N 29 
GLY CA  HA2  sing N N 30 
GLY CA  HA3  sing N N 31 
GLY C   O    doub N N 32 
GLY C   OXT  sing N N 33 
GLY OXT HXT  sing N N 34 
LEU N   CA   sing N N 35 
LEU N   H    sing N N 36 
LEU N   H2   sing N N 37 
LEU CA  C    sing N N 38 
LEU CA  CB   sing N N 39 
LEU CA  HA   sing N N 40 
LEU C   O    doub N N 41 
LEU C   OXT  sing N N 42 
LEU CB  CG   sing N N 43 
LEU CB  HB2  sing N N 44 
LEU CB  HB3  sing N N 45 
LEU CG  CD1  sing N N 46 
LEU CG  CD2  sing N N 47 
LEU CG  HG   sing N N 48 
LEU CD1 HD11 sing N N 49 
LEU CD1 HD12 sing N N 50 
LEU CD1 HD13 sing N N 51 
LEU CD2 HD21 sing N N 52 
LEU CD2 HD22 sing N N 53 
LEU CD2 HD23 sing N N 54 
LEU OXT HXT  sing N N 55 
THR N   CA   sing N N 56 
THR N   H    sing N N 57 
THR N   H2   sing N N 58 
THR CA  C    sing N N 59 
THR CA  CB   sing N N 60 
THR CA  HA   sing N N 61 
THR C   O    doub N N 62 
THR C   OXT  sing N N 63 
THR CB  OG1  sing N N 64 
THR CB  CG2  sing N N 65 
THR CB  HB   sing N N 66 
THR OG1 HG1  sing N N 67 
THR CG2 HG21 sing N N 68 
THR CG2 HG22 sing N N 69 
THR CG2 HG23 sing N N 70 
THR OXT HXT  sing N N 71 
# 
_pdbx_audit_support.funding_organization   'Engineering and Physical Sciences Research Council' 
_pdbx_audit_support.country                'United Kingdom' 
_pdbx_audit_support.grant_number           EP/L504889/1 
_pdbx_audit_support.ordinal                1 
# 
_pdbx_nmr_spectrometer.spectrometer_id   1 
_pdbx_nmr_spectrometer.model             AVANCE 
_pdbx_nmr_spectrometer.type              ? 
_pdbx_nmr_spectrometer.manufacturer      Bruker 
_pdbx_nmr_spectrometer.field_strength    600 
_pdbx_nmr_spectrometer.details           ? 
# 
_atom_sites.entry_id                    6QTF 
_atom_sites.fract_transf_matrix[1][1]   1.000000 
_atom_sites.fract_transf_matrix[1][2]   0.000000 
_atom_sites.fract_transf_matrix[1][3]   0.000000 
_atom_sites.fract_transf_matrix[2][1]   0.000000 
_atom_sites.fract_transf_matrix[2][2]   1.000000 
_atom_sites.fract_transf_matrix[2][3]   0.000000 
_atom_sites.fract_transf_matrix[3][1]   0.000000 
_atom_sites.fract_transf_matrix[3][2]   0.000000 
_atom_sites.fract_transf_matrix[3][3]   1.000000 
_atom_sites.fract_transf_vector[1]      0.00000 
_atom_sites.fract_transf_vector[2]      0.00000 
_atom_sites.fract_transf_vector[3]      0.00000 
# 
loop_
_atom_type.symbol 
C 
H 
N 
O 
S 
# 
loop_
_atom_site.group_PDB 
_atom_site.id 
_atom_site.type_symbol 
_atom_site.label_atom_id 
_atom_site.label_alt_id 
_atom_site.label_comp_id 
_atom_site.label_asym_id 
_atom_site.label_entity_id 
_atom_site.label_seq_id 
_atom_site.pdbx_PDB_ins_code 
_atom_site.Cartn_x 
_atom_site.Cartn_y 
_atom_site.Cartn_z 
_atom_site.occupancy 
_atom_site.B_iso_or_equiv 
_atom_site.pdbx_formal_charge 
_atom_site.auth_seq_id 
_atom_site.auth_comp_id 
_atom_site.auth_asym_id 
_atom_site.auth_atom_id 
_atom_site.pdbx_PDB_model_num 
HETATM 1   N N    . DCY A 1 1 ? 3.393  0.709  2.168  1.00 0.00 ? 1 DCY A N    1  
HETATM 2   C CA   . DCY A 1 1 ? 2.219  0.787  1.253  1.00 0.00 ? 1 DCY A CA   1  
HETATM 3   C C    . DCY A 1 1 ? 1.236  -0.326 1.596  1.00 0.00 ? 1 DCY A C    1  
HETATM 4   O O    . DCY A 1 1 ? 1.050  -1.260 0.819  1.00 0.00 ? 1 DCY A O    1  
HETATM 5   C CB   . DCY A 1 1 ? 1.550  2.161  1.401  1.00 0.00 ? 1 DCY A CB   1  
HETATM 6   S SG   . DCY A 1 1 ? -0.255 1.966  1.506  1.00 0.00 ? 1 DCY A SG   1  
HETATM 7   H H2   . DCY A 1 1 ? 3.858  1.639  2.214  1.00 0.00 ? 1 DCY A H2   1  
HETATM 8   H H    . DCY A 1 1 ? 3.074  0.432  3.118  1.00 0.00 ? 1 DCY A H    1  
HETATM 9   H H3   . DCY A 1 1 ? 4.065  0.001  1.811  1.00 0.00 ? 1 DCY A H3   1  
HETATM 10  H HA   . DCY A 1 1 ? 2.551  0.663  0.232  1.00 0.00 ? 1 DCY A HA   1  
HETATM 11  H HB2  . DCY A 1 1 ? 1.807  2.773  0.554  1.00 0.00 ? 1 DCY A HB2  1  
HETATM 12  H HB3  . DCY A 1 1 ? 1.910  2.634  2.304  1.00 0.00 ? 1 DCY A HB3  1  
ATOM   13  N N    . LEU A 1 2 ? 0.598  -0.211 2.758  1.00 0.00 ? 2 LEU A N    1  
ATOM   14  C CA   . LEU A 1 2 ? -0.383 -1.205 3.185  1.00 0.00 ? 2 LEU A CA   1  
ATOM   15  C C    . LEU A 1 2 ? -1.488 -1.286 2.139  1.00 0.00 ? 2 LEU A C    1  
ATOM   16  O O    . LEU A 1 2 ? -2.611 -0.839 2.371  1.00 0.00 ? 2 LEU A O    1  
ATOM   17  C CB   . LEU A 1 2 ? -0.978 -0.808 4.536  1.00 0.00 ? 2 LEU A CB   1  
ATOM   18  C CG   . LEU A 1 2 ? -0.155 -1.441 5.659  1.00 0.00 ? 2 LEU A CG   1  
ATOM   19  C CD1  . LEU A 1 2 ? -0.359 -0.650 6.952  1.00 0.00 ? 2 LEU A CD1  1  
ATOM   20  C CD2  . LEU A 1 2 ? -0.609 -2.887 5.870  1.00 0.00 ? 2 LEU A CD2  1  
ATOM   21  H H    . LEU A 1 2 ? 0.778  0.564  3.326  1.00 0.00 ? 2 LEU A H    1  
ATOM   22  H HA   . LEU A 1 2 ? 0.101  -2.168 3.281  1.00 0.00 ? 2 LEU A HA   1  
ATOM   23  H HB2  . LEU A 1 2 ? -0.959 0.268  4.636  1.00 0.00 ? 2 LEU A HB2  1  
ATOM   24  H HB3  . LEU A 1 2 ? -1.998 -1.158 4.598  1.00 0.00 ? 2 LEU A HB3  1  
ATOM   25  H HG   . LEU A 1 2 ? 0.891  -1.426 5.390  1.00 0.00 ? 2 LEU A HG   1  
ATOM   26  H HD11 . LEU A 1 2 ? 0.176  0.285  6.890  1.00 0.00 ? 2 LEU A HD11 1  
ATOM   27  H HD12 . LEU A 1 2 ? 0.012  -1.224 7.787  1.00 0.00 ? 2 LEU A HD12 1  
ATOM   28  H HD13 . LEU A 1 2 ? -1.412 -0.453 7.090  1.00 0.00 ? 2 LEU A HD13 1  
ATOM   29  H HD21 . LEU A 1 2 ? -1.670 -2.905 6.072  1.00 0.00 ? 2 LEU A HD21 1  
ATOM   30  H HD22 . LEU A 1 2 ? -0.076 -3.312 6.707  1.00 0.00 ? 2 LEU A HD22 1  
ATOM   31  H HD23 . LEU A 1 2 ? -0.403 -3.463 4.981  1.00 0.00 ? 2 LEU A HD23 1  
ATOM   32  N N    . GLY A 1 3 ? -1.144 -1.812 0.967  1.00 0.00 ? 3 GLY A N    1  
ATOM   33  C CA   . GLY A 1 3 ? -2.088 -1.895 -0.132 1.00 0.00 ? 3 GLY A CA   1  
ATOM   34  C C    . GLY A 1 3 ? -1.981 -0.613 -0.955 1.00 0.00 ? 3 GLY A C    1  
ATOM   35  O O    . GLY A 1 3 ? -2.347 -0.586 -2.130 1.00 0.00 ? 3 GLY A O    1  
ATOM   36  H H    . GLY A 1 3 ? -0.225 -2.116 0.826  1.00 0.00 ? 3 GLY A H    1  
ATOM   37  H HA2  . GLY A 1 3 ? -1.831 -2.744 -0.753 1.00 0.00 ? 3 GLY A HA2  1  
ATOM   38  H HA3  . GLY A 1 3 ? -3.102 -2.017 0.240  1.00 0.00 ? 3 GLY A HA3  1  
ATOM   39  N N    . ALA A 1 4 ? -1.461 0.458  -0.325 1.00 0.00 ? 4 ALA A N    1  
ATOM   40  C CA   . ALA A 1 4 ? -1.300 1.733  -1.014 1.00 0.00 ? 4 ALA A CA   1  
ATOM   41  C C    . ALA A 1 4 ? -0.382 1.612  -2.239 1.00 0.00 ? 4 ALA A C    1  
ATOM   42  O O    . ALA A 1 4 ? -0.597 2.293  -3.241 1.00 0.00 ? 4 ALA A O    1  
ATOM   43  C CB   . ALA A 1 4 ? -0.751 2.783  -0.042 1.00 0.00 ? 4 ALA A CB   1  
ATOM   44  H H    . ALA A 1 4 ? -1.185 0.390  0.624  1.00 0.00 ? 4 ALA A H    1  
ATOM   45  H HA   . ALA A 1 4 ? -2.266 2.059  -1.352 1.00 0.00 ? 4 ALA A HA   1  
ATOM   46  H HB2  . ALA A 1 4 ? 0.088  3.296  -0.486 1.00 0.00 ? 4 ALA A HB2  1  
ATOM   47  H HB3  . ALA A 1 4 ? -1.525 3.499  0.171  1.00 0.00 ? 4 ALA A HB3  1  
ATOM   48  N N    . THR A 1 5 ? 0.638  0.751  -2.167 1.00 0.00 ? 5 THR A N    1  
ATOM   49  C CA   . THR A 1 5 ? 1.552  0.579  -3.290 1.00 0.00 ? 5 THR A CA   1  
ATOM   50  C C    . THR A 1 5 ? 0.962  -0.383 -4.317 1.00 0.00 ? 5 THR A C    1  
ATOM   51  O O    . THR A 1 5 ? 0.306  -1.326 -3.907 1.00 0.00 ? 5 THR A O    1  
ATOM   52  C CB   . THR A 1 5 ? 2.894  0.039  -2.795 1.00 0.00 ? 5 THR A CB   1  
ATOM   53  O OG1  . THR A 1 5 ? 2.676  -0.828 -1.691 1.00 0.00 ? 5 THR A OG1  1  
ATOM   54  C CG2  . THR A 1 5 ? 3.788  1.203  -2.363 1.00 0.00 ? 5 THR A CG2  1  
ATOM   55  O OXT  . THR A 1 5 ? 1.176  -0.163 -5.498 1.00 0.00 ? 5 THR A OXT  1  
ATOM   56  H H    . THR A 1 5 ? 0.781  0.225  -1.355 1.00 0.00 ? 5 THR A H    1  
ATOM   57  H HA   . THR A 1 5 ? 1.714  1.538  -3.761 1.00 0.00 ? 5 THR A HA   1  
ATOM   58  H HB   . THR A 1 5 ? 3.380  -0.505 -3.590 1.00 0.00 ? 5 THR A HB   1  
ATOM   59  H HG1  . THR A 1 5 ? 3.464  -0.817 -1.144 1.00 0.00 ? 5 THR A HG1  1  
ATOM   60  H HG21 . THR A 1 5 ? 3.177  2.071  -2.166 1.00 0.00 ? 5 THR A HG21 1  
ATOM   61  H HG22 . THR A 1 5 ? 4.492  1.428  -3.150 1.00 0.00 ? 5 THR A HG22 1  
ATOM   62  H HG23 . THR A 1 5 ? 4.325  0.930  -1.466 1.00 0.00 ? 5 THR A HG23 1  
HETATM 63  N N    . DCY A 1 1 ? 3.398  0.670  2.093  1.00 0.00 ? 1 DCY A N    2  
HETATM 64  C CA   . DCY A 1 1 ? 2.221  0.738  1.181  1.00 0.00 ? 1 DCY A CA   2  
HETATM 65  C C    . DCY A 1 1 ? 1.220  -0.347 1.564  1.00 0.00 ? 1 DCY A C    2  
HETATM 66  O O    . DCY A 1 1 ? 0.997  -1.286 0.802  1.00 0.00 ? 1 DCY A O    2  
HETATM 67  C CB   . DCY A 1 1 ? 1.573  2.127  1.288  1.00 0.00 ? 1 DCY A CB   2  
HETATM 68  S SG   . DCY A 1 1 ? -0.227 1.961  1.497  1.00 0.00 ? 1 DCY A SG   2  
HETATM 69  H H2   . DCY A 1 1 ? 3.070  0.543  3.071  1.00 0.00 ? 1 DCY A H2   2  
HETATM 70  H H    . DCY A 1 1 ? 4.001  -0.131 1.821  1.00 0.00 ? 1 DCY A H    2  
HETATM 71  H H3   . DCY A 1 1 ? 3.944  1.552  2.021  1.00 0.00 ? 1 DCY A H3   2  
HETATM 72  H HA   . DCY A 1 1 ? 2.545  0.577  0.162  1.00 0.00 ? 1 DCY A HA   2  
HETATM 73  H HB2  . DCY A 1 1 ? 1.792  2.688  0.396  1.00 0.00 ? 1 DCY A HB2  2  
HETATM 74  H HB3  . DCY A 1 1 ? 1.985  2.644  2.142  1.00 0.00 ? 1 DCY A HB3  2  
ATOM   75  N N    . LEU A 1 2 ? 0.606  -0.197 2.736  1.00 0.00 ? 2 LEU A N    2  
ATOM   76  C CA   . LEU A 1 2 ? -0.393 -1.160 3.192  1.00 0.00 ? 2 LEU A CA   2  
ATOM   77  C C    . LEU A 1 2 ? -1.498 -1.247 2.140  1.00 0.00 ? 2 LEU A C    2  
ATOM   78  O O    . LEU A 1 2 ? -2.605 -0.754 2.347  1.00 0.00 ? 2 LEU A O    2  
ATOM   79  C CB   . LEU A 1 2 ? -0.982 -0.703 4.528  1.00 0.00 ? 2 LEU A CB   2  
ATOM   80  C CG   . LEU A 1 2 ? -1.210 -1.913 5.437  1.00 0.00 ? 2 LEU A CG   2  
ATOM   81  C CD1  . LEU A 1 2 ? -1.470 -1.431 6.866  1.00 0.00 ? 2 LEU A CD1  2  
ATOM   82  C CD2  . LEU A 1 2 ? -2.423 -2.706 4.942  1.00 0.00 ? 2 LEU A CD2  2  
ATOM   83  H H    . LEU A 1 2 ? 0.814  0.582  3.291  1.00 0.00 ? 2 LEU A H    2  
ATOM   84  H HA   . LEU A 1 2 ? 0.070  -2.129 3.319  1.00 0.00 ? 2 LEU A HA   2  
ATOM   85  H HB2  . LEU A 1 2 ? -0.296 -0.020 5.006  1.00 0.00 ? 2 LEU A HB2  2  
ATOM   86  H HB3  . LEU A 1 2 ? -1.922 -0.203 4.357  1.00 0.00 ? 2 LEU A HB3  2  
ATOM   87  H HG   . LEU A 1 2 ? -0.333 -2.545 5.426  1.00 0.00 ? 2 LEU A HG   2  
ATOM   88  H HD11 . LEU A 1 2 ? -2.131 -0.577 6.841  1.00 0.00 ? 2 LEU A HD11 2  
ATOM   89  H HD12 . LEU A 1 2 ? -0.535 -1.146 7.324  1.00 0.00 ? 2 LEU A HD12 2  
ATOM   90  H HD13 . LEU A 1 2 ? -1.925 -2.224 7.438  1.00 0.00 ? 2 LEU A HD13 2  
ATOM   91  H HD21 . LEU A 1 2 ? -2.448 -2.689 3.863  1.00 0.00 ? 2 LEU A HD21 2  
ATOM   92  H HD22 . LEU A 1 2 ? -3.326 -2.261 5.329  1.00 0.00 ? 2 LEU A HD22 2  
ATOM   93  H HD23 . LEU A 1 2 ? -2.350 -3.727 5.284  1.00 0.00 ? 2 LEU A HD23 2  
ATOM   94  N N    . GLY A 1 3 ? -1.168 -1.830 0.992  1.00 0.00 ? 3 GLY A N    2  
ATOM   95  C CA   . GLY A 1 3 ? -2.111 -1.922 -0.106 1.00 0.00 ? 3 GLY A CA   2  
ATOM   96  C C    . GLY A 1 3 ? -2.014 -0.640 -0.934 1.00 0.00 ? 3 GLY A C    2  
ATOM   97  O O    . GLY A 1 3 ? -2.416 -0.609 -2.098 1.00 0.00 ? 3 GLY A O    2  
ATOM   98  H H    . GLY A 1 3 ? -0.259 -2.171 0.866  1.00 0.00 ? 3 GLY A H    2  
ATOM   99  H HA2  . GLY A 1 3 ? -1.851 -2.771 -0.726 1.00 0.00 ? 3 GLY A HA2  2  
ATOM   100 H HA3  . GLY A 1 3 ? -3.124 -2.046 0.269  1.00 0.00 ? 3 GLY A HA3  2  
ATOM   101 N N    . ALA A 1 4 ? -1.466 0.426  -0.319 1.00 0.00 ? 4 ALA A N    2  
ATOM   102 C CA   . ALA A 1 4 ? -1.314 1.705  -1.009 1.00 0.00 ? 4 ALA A CA   2  
ATOM   103 C C    . ALA A 1 4 ? -0.379 1.606  -2.224 1.00 0.00 ? 4 ALA A C    2  
ATOM   104 O O    . ALA A 1 4 ? -0.607 2.278  -3.231 1.00 0.00 ? 4 ALA A O    2  
ATOM   105 C CB   . ALA A 1 4 ? -0.794 2.768  -0.032 1.00 0.00 ? 4 ALA A CB   2  
ATOM   106 H H    . ALA A 1 4 ? -1.167 0.353  0.622  1.00 0.00 ? 4 ALA A H    2  
ATOM   107 H HA   . ALA A 1 4 ? -2.281 2.014  -1.357 1.00 0.00 ? 4 ALA A HA   2  
ATOM   108 H HB2  . ALA A 1 4 ? 0.009  3.326  -0.484 1.00 0.00 ? 4 ALA A HB2  2  
ATOM   109 H HB3  . ALA A 1 4 ? -1.598 3.445  0.206  1.00 0.00 ? 4 ALA A HB3  2  
ATOM   110 N N    . THR A 1 5 ? 0.669  0.782  -2.142 1.00 0.00 ? 5 THR A N    2  
ATOM   111 C CA   . THR A 1 5 ? 1.599  0.639  -3.256 1.00 0.00 ? 5 THR A CA   2  
ATOM   112 C C    . THR A 1 5 ? 1.118  -0.441 -4.220 1.00 0.00 ? 5 THR A C    2  
ATOM   113 O O    . THR A 1 5 ? 0.450  -1.356 -3.769 1.00 0.00 ? 5 THR A O    2  
ATOM   114 C CB   . THR A 1 5 ? 2.991  0.279  -2.731 1.00 0.00 ? 5 THR A CB   2  
ATOM   115 O OG1  . THR A 1 5 ? 2.871  -0.681 -1.691 1.00 0.00 ? 5 THR A OG1  2  
ATOM   116 C CG2  . THR A 1 5 ? 3.673  1.538  -2.190 1.00 0.00 ? 5 THR A CG2  2  
ATOM   117 O OXT  . THR A 1 5 ? 1.422  -0.335 -5.397 1.00 0.00 ? 5 THR A OXT  2  
ATOM   118 H H    . THR A 1 5 ? 0.822  0.265  -1.331 1.00 0.00 ? 5 THR A H    2  
ATOM   119 H HA   . THR A 1 5 ? 1.659  1.579  -3.784 1.00 0.00 ? 5 THR A HA   2  
ATOM   120 H HB   . THR A 1 5 ? 3.585  -0.130 -3.534 1.00 0.00 ? 5 THR A HB   2  
ATOM   121 H HG1  . THR A 1 5 ? 1.943  -0.751 -1.457 1.00 0.00 ? 5 THR A HG1  2  
ATOM   122 H HG21 . THR A 1 5 ? 3.948  2.180  -3.013 1.00 0.00 ? 5 THR A HG21 2  
ATOM   123 H HG22 . THR A 1 5 ? 4.560  1.258  -1.639 1.00 0.00 ? 5 THR A HG22 2  
ATOM   124 H HG23 . THR A 1 5 ? 2.993  2.061  -1.536 1.00 0.00 ? 5 THR A HG23 2  
HETATM 125 N N    . DCY A 1 1 ? 3.412  0.669  2.124  1.00 0.00 ? 1 DCY A N    3  
HETATM 126 C CA   . DCY A 1 1 ? 2.230  0.729  1.219  1.00 0.00 ? 1 DCY A CA   3  
HETATM 127 C C    . DCY A 1 1 ? 1.236  -0.360 1.606  1.00 0.00 ? 1 DCY A C    3  
HETATM 128 O O    . DCY A 1 1 ? 1.055  -1.330 0.872  1.00 0.00 ? 1 DCY A O    3  
HETATM 129 C CB   . DCY A 1 1 ? 1.578  2.116  1.324  1.00 0.00 ? 1 DCY A CB   3  
HETATM 130 S SG   . DCY A 1 1 ? -0.225 1.946  1.503  1.00 0.00 ? 1 DCY A SG   3  
HETATM 131 H H2   . DCY A 1 1 ? 3.216  0.006  2.903  1.00 0.00 ? 1 DCY A H2   3  
HETATM 132 H H    . DCY A 1 1 ? 4.242  0.343  1.591  1.00 0.00 ? 1 DCY A H    3  
HETATM 133 H H3   . DCY A 1 1 ? 3.600  1.614  2.513  1.00 0.00 ? 1 DCY A H3   3  
HETATM 134 H HA   . DCY A 1 1 ? 2.550  0.568  0.201  1.00 0.00 ? 1 DCY A HA   3  
HETATM 135 H HB2  . DCY A 1 1 ? 1.809  2.683  0.439  1.00 0.00 ? 1 DCY A HB2  3  
HETATM 136 H HB3  . DCY A 1 1 ? 1.974  2.629  2.189  1.00 0.00 ? 1 DCY A HB3  3  
ATOM   137 N N    . LEU A 1 2 ? 0.579  -0.184 2.750  1.00 0.00 ? 2 LEU A N    3  
ATOM   138 C CA   . LEU A 1 2 ? -0.417 -1.153 3.204  1.00 0.00 ? 2 LEU A CA   3  
ATOM   139 C C    . LEU A 1 2 ? -1.508 -1.258 2.146  1.00 0.00 ? 2 LEU A C    3  
ATOM   140 O O    . LEU A 1 2 ? -2.632 -0.799 2.350  1.00 0.00 ? 2 LEU A O    3  
ATOM   141 C CB   . LEU A 1 2 ? -1.026 -0.695 4.531  1.00 0.00 ? 2 LEU A CB   3  
ATOM   142 C CG   . LEU A 1 2 ? -0.056 -1.001 5.672  1.00 0.00 ? 2 LEU A CG   3  
ATOM   143 C CD1  . LEU A 1 2 ? 1.106  -0.007 5.637  1.00 0.00 ? 2 LEU A CD1  3  
ATOM   144 C CD2  . LEU A 1 2 ? -0.789 -0.879 7.010  1.00 0.00 ? 2 LEU A CD2  3  
ATOM   145 H H    . LEU A 1 2 ? 0.752  0.617  3.285  1.00 0.00 ? 2 LEU A H    3  
ATOM   146 H HA   . LEU A 1 2 ? 0.055  -2.118 3.344  1.00 0.00 ? 2 LEU A HA   3  
ATOM   147 H HB2  . LEU A 1 2 ? -1.215 0.369  4.493  1.00 0.00 ? 2 LEU A HB2  3  
ATOM   148 H HB3  . LEU A 1 2 ? -1.956 -1.220 4.701  1.00 0.00 ? 2 LEU A HB3  3  
ATOM   149 H HG   . LEU A 1 2 ? 0.326  -2.007 5.560  1.00 0.00 ? 2 LEU A HG   3  
ATOM   150 H HD11 . LEU A 1 2 ? 0.717  0.998  5.584  1.00 0.00 ? 2 LEU A HD11 3  
ATOM   151 H HD12 . LEU A 1 2 ? 1.719  -0.201 4.769  1.00 0.00 ? 2 LEU A HD12 3  
ATOM   152 H HD13 . LEU A 1 2 ? 1.702  -0.117 6.530  1.00 0.00 ? 2 LEU A HD13 3  
ATOM   153 H HD21 . LEU A 1 2 ? -1.729 -1.409 6.956  1.00 0.00 ? 2 LEU A HD21 3  
ATOM   154 H HD22 . LEU A 1 2 ? -0.975 0.163  7.225  1.00 0.00 ? 2 LEU A HD22 3  
ATOM   155 H HD23 . LEU A 1 2 ? -0.180 -1.305 7.794  1.00 0.00 ? 2 LEU A HD23 3  
ATOM   156 N N    . GLY A 1 3 ? -1.150 -1.817 0.994  1.00 0.00 ? 3 GLY A N    3  
ATOM   157 C CA   . GLY A 1 3 ? -2.078 -1.923 -0.116 1.00 0.00 ? 3 GLY A CA   3  
ATOM   158 C C    . GLY A 1 3 ? -1.988 -0.640 -0.941 1.00 0.00 ? 3 GLY A C    3  
ATOM   159 O O    . GLY A 1 3 ? -2.388 -0.608 -2.105 1.00 0.00 ? 3 GLY A O    3  
ATOM   160 H H    . GLY A 1 3 ? -0.230 -2.129 0.874  1.00 0.00 ? 3 GLY A H    3  
ATOM   161 H HA2  . GLY A 1 3 ? -1.798 -2.769 -0.733 1.00 0.00 ? 3 GLY A HA2  3  
ATOM   162 H HA3  . GLY A 1 3 ? -3.094 -2.062 0.247  1.00 0.00 ? 3 GLY A HA3  3  
ATOM   163 N N    . ALA A 1 4 ? -1.449 0.426  -0.322 1.00 0.00 ? 4 ALA A N    3  
ATOM   164 C CA   . ALA A 1 4 ? -1.303 1.708  -1.006 1.00 0.00 ? 4 ALA A CA   3  
ATOM   165 C C    . ALA A 1 4 ? -0.385 1.613  -2.233 1.00 0.00 ? 4 ALA A C    3  
ATOM   166 O O    . ALA A 1 4 ? -0.621 2.292  -3.233 1.00 0.00 ? 4 ALA A O    3  
ATOM   167 C CB   . ALA A 1 4 ? -0.769 2.763  -0.028 1.00 0.00 ? 4 ALA A CB   3  
ATOM   168 H H    . ALA A 1 4 ? -1.150 0.352  0.620  1.00 0.00 ? 4 ALA A H    3  
ATOM   169 H HA   . ALA A 1 4 ? -2.274 2.023  -1.339 1.00 0.00 ? 4 ALA A HA   3  
ATOM   170 H HB2  . ALA A 1 4 ? 0.046  3.306  -0.478 1.00 0.00 ? 4 ALA A HB2  3  
ATOM   171 H HB3  . ALA A 1 4 ? -1.562 3.453  0.204  1.00 0.00 ? 4 ALA A HB3  3  
ATOM   172 N N    . THR A 1 5 ? 0.656  0.779  -2.171 1.00 0.00 ? 5 THR A N    3  
ATOM   173 C CA   . THR A 1 5 ? 1.568  0.639  -3.300 1.00 0.00 ? 5 THR A CA   3  
ATOM   174 C C    . THR A 1 5 ? 1.012  -0.357 -4.316 1.00 0.00 ? 5 THR A C    3  
ATOM   175 O O    . THR A 1 5 ? 1.786  -1.155 -4.820 1.00 0.00 ? 5 THR A O    3  
ATOM   176 C CB   . THR A 1 5 ? 2.938  0.163  -2.811 1.00 0.00 ? 5 THR A CB   3  
ATOM   177 O OG1  . THR A 1 5 ? 2.766  -0.713 -1.706 1.00 0.00 ? 5 THR A OG1  3  
ATOM   178 C CG2  . THR A 1 5 ? 3.775  1.370  -2.383 1.00 0.00 ? 5 THR A CG2  3  
ATOM   179 O OXT  . THR A 1 5 ? -0.178 -0.304 -4.574 1.00 0.00 ? 5 THR A OXT  3  
ATOM   180 H H    . THR A 1 5 ? 0.817  0.254  -1.365 1.00 0.00 ? 5 THR A H    3  
ATOM   181 H HA   . THR A 1 5 ? 1.683  1.600  -3.779 1.00 0.00 ? 5 THR A HA   3  
ATOM   182 H HB   . THR A 1 5 ? 3.447  -0.357 -3.607 1.00 0.00 ? 5 THR A HB   3  
ATOM   183 H HG1  . THR A 1 5 ? 3.585  -1.199 -1.582 1.00 0.00 ? 5 THR A HG1  3  
ATOM   184 H HG21 . THR A 1 5 ? 3.126  2.215  -2.211 1.00 0.00 ? 5 THR A HG21 3  
ATOM   185 H HG22 . THR A 1 5 ? 4.484  1.611  -3.162 1.00 0.00 ? 5 THR A HG22 3  
ATOM   186 H HG23 . THR A 1 5 ? 4.307  1.133  -1.474 1.00 0.00 ? 5 THR A HG23 3  
HETATM 187 N N    . DCY A 1 1 ? 3.393  0.689  2.118  1.00 0.00 ? 1 DCY A N    4  
HETATM 188 C CA   . DCY A 1 1 ? 2.221  0.745  1.200  1.00 0.00 ? 1 DCY A CA   4  
HETATM 189 C C    . DCY A 1 1 ? 1.225  -0.346 1.581  1.00 0.00 ? 1 DCY A C    4  
HETATM 190 O O    . DCY A 1 1 ? 1.018  -1.291 0.822  1.00 0.00 ? 1 DCY A O    4  
HETATM 191 C CB   . DCY A 1 1 ? 1.568  2.131  1.294  1.00 0.00 ? 1 DCY A CB   4  
HETATM 192 S SG   . DCY A 1 1 ? -0.233 1.960  1.489  1.00 0.00 ? 1 DCY A SG   4  
HETATM 193 H H2   . DCY A 1 1 ? 3.520  -0.285 2.460  1.00 0.00 ? 1 DCY A H2   4  
HETATM 194 H H    . DCY A 1 1 ? 4.248  0.992  1.609  1.00 0.00 ? 1 DCY A H    4  
HETATM 195 H H3   . DCY A 1 1 ? 3.232  1.323  2.926  1.00 0.00 ? 1 DCY A H3   4  
HETATM 196 H HA   . DCY A 1 1 ? 2.552  0.580  0.186  1.00 0.00 ? 1 DCY A HA   4  
HETATM 197 H HB2  . DCY A 1 1 ? 1.789  2.688  0.398  1.00 0.00 ? 1 DCY A HB2  4  
HETATM 198 H HB3  . DCY A 1 1 ? 1.970  2.656  2.149  1.00 0.00 ? 1 DCY A HB3  4  
ATOM   199 N N    . LEU A 1 2 ? 0.599  -0.198 2.746  1.00 0.00 ? 2 LEU A N    4  
ATOM   200 C CA   . LEU A 1 2 ? -0.392 -1.172 3.197  1.00 0.00 ? 2 LEU A CA   4  
ATOM   201 C C    . LEU A 1 2 ? -1.499 -1.261 2.151  1.00 0.00 ? 2 LEU A C    4  
ATOM   202 O O    . LEU A 1 2 ? -2.614 -0.787 2.370  1.00 0.00 ? 2 LEU A O    4  
ATOM   203 C CB   . LEU A 1 2 ? -0.986 -0.734 4.538  1.00 0.00 ? 2 LEU A CB   4  
ATOM   204 C CG   . LEU A 1 2 ? 0.098  -0.782 5.616  1.00 0.00 ? 2 LEU A CG   4  
ATOM   205 C CD1  . LEU A 1 2 ? -0.103 0.377  6.594  1.00 0.00 ? 2 LEU A CD1  4  
ATOM   206 C CD2  . LEU A 1 2 ? 0.008  -2.108 6.372  1.00 0.00 ? 2 LEU A CD2  4  
ATOM   207 H H    . LEU A 1 2 ? 0.795  0.583  3.300  1.00 0.00 ? 2 LEU A H    4  
ATOM   208 H HA   . LEU A 1 2 ? 0.078  -2.139 3.317  1.00 0.00 ? 2 LEU A HA   4  
ATOM   209 H HB2  . LEU A 1 2 ? -1.364 0.274  4.451  1.00 0.00 ? 2 LEU A HB2  4  
ATOM   210 H HB3  . LEU A 1 2 ? -1.790 -1.401 4.809  1.00 0.00 ? 2 LEU A HB3  4  
ATOM   211 H HG   . LEU A 1 2 ? 1.070  -0.695 5.153  1.00 0.00 ? 2 LEU A HG   4  
ATOM   212 H HD11 . LEU A 1 2 ? 0.746  0.438  7.259  1.00 0.00 ? 2 LEU A HD11 4  
ATOM   213 H HD12 . LEU A 1 2 ? -1.001 0.208  7.171  1.00 0.00 ? 2 LEU A HD12 4  
ATOM   214 H HD13 . LEU A 1 2 ? -0.197 1.301  6.044  1.00 0.00 ? 2 LEU A HD13 4  
ATOM   215 H HD21 . LEU A 1 2 ? 0.933  -2.287 6.899  1.00 0.00 ? 2 LEU A HD21 4  
ATOM   216 H HD22 . LEU A 1 2 ? -0.169 -2.911 5.672  1.00 0.00 ? 2 LEU A HD22 4  
ATOM   217 H HD23 . LEU A 1 2 ? -0.808 -2.064 7.080  1.00 0.00 ? 2 LEU A HD23 4  
ATOM   218 N N    . GLY A 1 3 ? -1.165 -1.822 0.992  1.00 0.00 ? 3 GLY A N    4  
ATOM   219 C CA   . GLY A 1 3 ? -2.109 -1.916 -0.107 1.00 0.00 ? 3 GLY A CA   4  
ATOM   220 C C    . GLY A 1 3 ? -2.011 -0.636 -0.938 1.00 0.00 ? 3 GLY A C    4  
ATOM   221 O O    . GLY A 1 3 ? -2.413 -0.607 -2.100 1.00 0.00 ? 3 GLY A O    4  
ATOM   222 H H    . GLY A 1 3 ? -0.250 -2.147 0.860  1.00 0.00 ? 3 GLY A H    4  
ATOM   223 H HA2  . GLY A 1 3 ? -1.851 -2.767 -0.723 1.00 0.00 ? 3 GLY A HA2  4  
ATOM   224 H HA3  . GLY A 1 3 ? -3.122 -2.038 0.270  1.00 0.00 ? 3 GLY A HA3  4  
ATOM   225 N N    . ALA A 1 4 ? -1.464 0.430  -0.325 1.00 0.00 ? 4 ALA A N    4  
ATOM   226 C CA   . ALA A 1 4 ? -1.311 1.707  -1.017 1.00 0.00 ? 4 ALA A CA   4  
ATOM   227 C C    . ALA A 1 4 ? -0.381 1.605  -2.235 1.00 0.00 ? 4 ALA A C    4  
ATOM   228 O O    . ALA A 1 4 ? -0.613 2.271  -3.245 1.00 0.00 ? 4 ALA A O    4  
ATOM   229 C CB   . ALA A 1 4 ? -0.790 2.770  -0.041 1.00 0.00 ? 4 ALA A CB   4  
ATOM   230 H H    . ALA A 1 4 ? -1.165 0.360  0.617  1.00 0.00 ? 4 ALA A H    4  
ATOM   231 H HA   . ALA A 1 4 ? -2.279 2.017  -1.363 1.00 0.00 ? 4 ALA A HA   4  
ATOM   232 H HB2  . ALA A 1 4 ? 0.017  3.324  -0.492 1.00 0.00 ? 4 ALA A HB2  4  
ATOM   233 H HB3  . ALA A 1 4 ? -1.593 3.448  0.193  1.00 0.00 ? 4 ALA A HB3  4  
ATOM   234 N N    . THR A 1 5 ? 0.667  0.782  -2.153 1.00 0.00 ? 5 THR A N    4  
ATOM   235 C CA   . THR A 1 5 ? 1.592  0.635  -3.272 1.00 0.00 ? 5 THR A CA   4  
ATOM   236 C C    . THR A 1 5 ? 1.033  -0.340 -4.304 1.00 0.00 ? 5 THR A C    4  
ATOM   237 O O    . THR A 1 5 ? 0.326  0.108  -5.192 1.00 0.00 ? 5 THR A O    4  
ATOM   238 C CB   . THR A 1 5 ? 2.944  0.127  -2.768 1.00 0.00 ? 5 THR A CB   4  
ATOM   239 O OG1  . THR A 1 5 ? 3.467  1.044  -1.817 1.00 0.00 ? 5 THR A OG1  4  
ATOM   240 C CG2  . THR A 1 5 ? 3.915  -0.003 -3.942 1.00 0.00 ? 5 THR A CG2  4  
ATOM   241 O OXT  . THR A 1 5 ? 1.321  -1.520 -4.192 1.00 0.00 ? 5 THR A OXT  4  
ATOM   242 H H    . THR A 1 5 ? 0.824  0.266  -1.340 1.00 0.00 ? 5 THR A H    4  
ATOM   243 H HA   . THR A 1 5 ? 1.733  1.597  -3.739 1.00 0.00 ? 5 THR A HA   4  
ATOM   244 H HB   . THR A 1 5 ? 2.817  -0.838 -2.304 1.00 0.00 ? 5 THR A HB   4  
ATOM   245 H HG1  . THR A 1 5 ? 2.808  1.726  -1.668 1.00 0.00 ? 5 THR A HG1  4  
ATOM   246 H HG21 . THR A 1 5 ? 3.379  0.137  -4.870 1.00 0.00 ? 5 THR A HG21 4  
ATOM   247 H HG22 . THR A 1 5 ? 4.365  -0.984 -3.931 1.00 0.00 ? 5 THR A HG22 4  
ATOM   248 H HG23 . THR A 1 5 ? 4.686  0.748  -3.857 1.00 0.00 ? 5 THR A HG23 4  
HETATM 249 N N    . DCY A 1 1 ? 3.413  0.658  2.112  1.00 0.00 ? 1 DCY A N    5  
HETATM 250 C CA   . DCY A 1 1 ? 2.231  0.714  1.205  1.00 0.00 ? 1 DCY A CA   5  
HETATM 251 C C    . DCY A 1 1 ? 1.234  -0.369 1.602  1.00 0.00 ? 1 DCY A C    5  
HETATM 252 O O    . DCY A 1 1 ? 1.050  -1.344 0.876  1.00 0.00 ? 1 DCY A O    5  
HETATM 253 C CB   . DCY A 1 1 ? 1.583  2.103  1.298  1.00 0.00 ? 1 DCY A CB   5  
HETATM 254 S SG   . DCY A 1 1 ? -0.218 1.941  1.499  1.00 0.00 ? 1 DCY A SG   5  
HETATM 255 H H2   . DCY A 1 1 ? 3.809  1.614  2.222  1.00 0.00 ? 1 DCY A H2   5  
HETATM 256 H H    . DCY A 1 1 ? 3.123  0.292  3.039  1.00 0.00 ? 1 DCY A H    5  
HETATM 257 H H3   . DCY A 1 1 ? 4.133  0.028  1.703  1.00 0.00 ? 1 DCY A H3   5  
HETATM 258 H HA   . DCY A 1 1 ? 2.551  0.541  0.189  1.00 0.00 ? 1 DCY A HA   5  
HETATM 259 H HB2  . DCY A 1 1 ? 1.805  2.656  0.402  1.00 0.00 ? 1 DCY A HB2  5  
HETATM 260 H HB3  . DCY A 1 1 ? 1.990  2.628  2.151  1.00 0.00 ? 1 DCY A HB3  5  
ATOM   261 N N    . LEU A 1 2 ? 0.578  -0.181 2.746  1.00 0.00 ? 2 LEU A N    5  
ATOM   262 C CA   . LEU A 1 2 ? -0.421 -1.140 3.209  1.00 0.00 ? 2 LEU A CA   5  
ATOM   263 C C    . LEU A 1 2 ? -1.512 -1.250 2.150  1.00 0.00 ? 2 LEU A C    5  
ATOM   264 O O    . LEU A 1 2 ? -2.633 -0.783 2.348  1.00 0.00 ? 2 LEU A O    5  
ATOM   265 C CB   . LEU A 1 2 ? -1.031 -0.665 4.530  1.00 0.00 ? 2 LEU A CB   5  
ATOM   266 C CG   . LEU A 1 2 ? -1.431 -1.875 5.375  1.00 0.00 ? 2 LEU A CG   5  
ATOM   267 C CD1  . LEU A 1 2 ? -0.223 -2.356 6.181  1.00 0.00 ? 2 LEU A CD1  5  
ATOM   268 C CD2  . LEU A 1 2 ? -2.556 -1.478 6.333  1.00 0.00 ? 2 LEU A CD2  5  
ATOM   269 H H    . LEU A 1 2 ? 0.755  0.624  3.273  1.00 0.00 ? 2 LEU A H    5  
ATOM   270 H HA   . LEU A 1 2 ? 0.045  -2.105 3.360  1.00 0.00 ? 2 LEU A HA   5  
ATOM   271 H HB2  . LEU A 1 2 ? -0.307 -0.072 5.069  1.00 0.00 ? 2 LEU A HB2  5  
ATOM   272 H HB3  . LEU A 1 2 ? -1.907 -0.065 4.328  1.00 0.00 ? 2 LEU A HB3  5  
ATOM   273 H HG   . LEU A 1 2 ? -1.769 -2.670 4.727  1.00 0.00 ? 2 LEU A HG   5  
ATOM   274 H HD11 . LEU A 1 2 ? -0.332 -3.407 6.399  1.00 0.00 ? 2 LEU A HD11 5  
ATOM   275 H HD12 . LEU A 1 2 ? -0.162 -1.801 7.104  1.00 0.00 ? 2 LEU A HD12 5  
ATOM   276 H HD13 . LEU A 1 2 ? 0.679  -2.199 5.606  1.00 0.00 ? 2 LEU A HD13 5  
ATOM   277 H HD21 . LEU A 1 2 ? -2.451 -0.436 6.600  1.00 0.00 ? 2 LEU A HD21 5  
ATOM   278 H HD22 . LEU A 1 2 ? -2.500 -2.085 7.224  1.00 0.00 ? 2 LEU A HD22 5  
ATOM   279 H HD23 . LEU A 1 2 ? -3.509 -1.632 5.852  1.00 0.00 ? 2 LEU A HD23 5  
ATOM   280 N N    . GLY A 1 3 ? -1.155 -1.820 1.003  1.00 0.00 ? 3 GLY A N    5  
ATOM   281 C CA   . GLY A 1 3 ? -2.083 -1.931 -0.109 1.00 0.00 ? 3 GLY A CA   5  
ATOM   282 C C    . GLY A 1 3 ? -1.995 -0.649 -0.937 1.00 0.00 ? 3 GLY A C    5  
ATOM   283 O O    . GLY A 1 3 ? -2.405 -0.616 -2.098 1.00 0.00 ? 3 GLY A O    5  
ATOM   284 H H    . GLY A 1 3 ? -0.238 -2.138 0.887  1.00 0.00 ? 3 GLY A H    5  
ATOM   285 H HA2  . GLY A 1 3 ? -1.801 -2.777 -0.722 1.00 0.00 ? 3 GLY A HA2  5  
ATOM   286 H HA3  . GLY A 1 3 ? -3.098 -2.070 0.253  1.00 0.00 ? 3 GLY A HA3  5  
ATOM   287 N N    . ALA A 1 4 ? -1.449 0.417  -0.322 1.00 0.00 ? 4 ALA A N    5  
ATOM   288 C CA   . ALA A 1 4 ? -1.305 1.700  -1.006 1.00 0.00 ? 4 ALA A CA   5  
ATOM   289 C C    . ALA A 1 4 ? -0.385 1.613  -2.233 1.00 0.00 ? 4 ALA A C    5  
ATOM   290 O O    . ALA A 1 4 ? -0.626 2.291  -3.231 1.00 0.00 ? 4 ALA A O    5  
ATOM   291 C CB   . ALA A 1 4 ? -0.777 2.756  -0.027 1.00 0.00 ? 4 ALA A CB   5  
ATOM   292 H H    . ALA A 1 4 ? -1.144 0.342  0.617  1.00 0.00 ? 4 ALA A H    5  
ATOM   293 H HA   . ALA A 1 4 ? -2.277 2.011  -1.341 1.00 0.00 ? 4 ALA A HA   5  
ATOM   294 H HB2  . ALA A 1 4 ? 0.030  3.311  -0.479 1.00 0.00 ? 4 ALA A HB2  5  
ATOM   295 H HB3  . ALA A 1 4 ? -1.577 3.438  0.212  1.00 0.00 ? 4 ALA A HB3  5  
ATOM   296 N N    . THR A 1 5 ? 0.661  0.787  -2.171 1.00 0.00 ? 5 THR A N    5  
ATOM   297 C CA   . THR A 1 5 ? 1.578  0.656  -3.299 1.00 0.00 ? 5 THR A CA   5  
ATOM   298 C C    . THR A 1 5 ? 0.861  0.055  -4.505 1.00 0.00 ? 5 THR A C    5  
ATOM   299 O O    . THR A 1 5 ? 0.190  -0.949 -4.332 1.00 0.00 ? 5 THR A O    5  
ATOM   300 C CB   . THR A 1 5 ? 2.762  -0.232 -2.912 1.00 0.00 ? 5 THR A CB   5  
ATOM   301 O OG1  . THR A 1 5 ? 3.890  0.116  -3.702 1.00 0.00 ? 5 THR A OG1  5  
ATOM   302 C CG2  . THR A 1 5 ? 2.403  -1.699 -3.149 1.00 0.00 ? 5 THR A CG2  5  
ATOM   303 O OXT  . THR A 1 5 ? 0.993  0.609  -5.584 1.00 0.00 ? 5 THR A OXT  5  
ATOM   304 H H    . THR A 1 5 ? 0.826  0.263  -1.366 1.00 0.00 ? 5 THR A H    5  
ATOM   305 H HA   . THR A 1 5 ? 1.948  1.636  -3.565 1.00 0.00 ? 5 THR A HA   5  
ATOM   306 H HB   . THR A 1 5 ? 2.994  -0.086 -1.868 1.00 0.00 ? 5 THR A HB   5  
ATOM   307 H HG1  . THR A 1 5 ? 3.703  0.953  -4.133 1.00 0.00 ? 5 THR A HG1  5  
ATOM   308 H HG21 . THR A 1 5 ? 2.387  -1.898 -4.210 1.00 0.00 ? 5 THR A HG21 5  
ATOM   309 H HG22 . THR A 1 5 ? 1.429  -1.903 -2.730 1.00 0.00 ? 5 THR A HG22 5  
ATOM   310 H HG23 . THR A 1 5 ? 3.139  -2.331 -2.674 1.00 0.00 ? 5 THR A HG23 5  
HETATM 311 N N    . DCY A 1 1 ? 3.444  0.688  2.164  1.00 0.00 ? 1 DCY A N    6  
HETATM 312 C CA   . DCY A 1 1 ? 2.237  0.759  1.297  1.00 0.00 ? 1 DCY A CA   6  
HETATM 313 C C    . DCY A 1 1 ? 1.274  -0.365 1.674  1.00 0.00 ? 1 DCY A C    6  
HETATM 314 O O    . DCY A 1 1 ? 1.187  -1.373 0.976  1.00 0.00 ? 1 DCY A O    6  
HETATM 315 C CB   . DCY A 1 1 ? 1.564  2.128  1.476  1.00 0.00 ? 1 DCY A CB   6  
HETATM 316 S SG   . DCY A 1 1 ? -0.244 1.932  1.530  1.00 0.00 ? 1 DCY A SG   6  
HETATM 317 H H2   . DCY A 1 1 ? 3.407  -0.178 2.741  1.00 0.00 ? 1 DCY A H2   6  
HETATM 318 H H    . DCY A 1 1 ? 4.298  0.673  1.571  1.00 0.00 ? 1 DCY A H    6  
HETATM 319 H H3   . DCY A 1 1 ? 3.475  1.520  2.789  1.00 0.00 ? 1 DCY A H3   6  
HETATM 320 H HA   . DCY A 1 1 ? 2.531  0.641  0.265  1.00 0.00 ? 1 DCY A HA   6  
HETATM 321 H HB2  . DCY A 1 1 ? 1.842  2.770  0.657  1.00 0.00 ? 1 DCY A HB2  6  
HETATM 322 H HB3  . DCY A 1 1 ? 1.901  2.571  2.402  1.00 0.00 ? 1 DCY A HB3  6  
ATOM   323 N N    . LEU A 1 2 ? 0.540  -0.176 2.767  1.00 0.00 ? 2 LEU A N    6  
ATOM   324 C CA   . LEU A 1 2 ? -0.430 -1.176 3.207  1.00 0.00 ? 2 LEU A CA   6  
ATOM   325 C C    . LEU A 1 2 ? -1.510 -1.301 2.142  1.00 0.00 ? 2 LEU A C    6  
ATOM   326 O O    . LEU A 1 2 ? -2.659 -0.912 2.358  1.00 0.00 ? 2 LEU A O    6  
ATOM   327 C CB   . LEU A 1 2 ? -1.065 -0.753 4.535  1.00 0.00 ? 2 LEU A CB   6  
ATOM   328 C CG   . LEU A 1 2 ? 0.012  -0.202 5.469  1.00 0.00 ? 2 LEU A CG   6  
ATOM   329 C CD1  . LEU A 1 2 ? -0.644 0.347  6.736  1.00 0.00 ? 2 LEU A CD1  6  
ATOM   330 C CD2  . LEU A 1 2 ? 0.981  -1.324 5.846  1.00 0.00 ? 2 LEU A CD2  6  
ATOM   331 H H    . LEU A 1 2 ? 0.641  0.655  3.272  1.00 0.00 ? 2 LEU A H    6  
ATOM   332 H HA   . LEU A 1 2 ? 0.067  -2.128 3.339  1.00 0.00 ? 2 LEU A HA   6  
ATOM   333 H HB2  . LEU A 1 2 ? -1.809 0.009  4.352  1.00 0.00 ? 2 LEU A HB2  6  
ATOM   334 H HB3  . LEU A 1 2 ? -1.535 -1.610 4.996  1.00 0.00 ? 2 LEU A HB3  6  
ATOM   335 H HG   . LEU A 1 2 ? 0.551  0.589  4.970  1.00 0.00 ? 2 LEU A HG   6  
ATOM   336 H HD11 . LEU A 1 2 ? -0.706 -0.436 7.478  1.00 0.00 ? 2 LEU A HD11 6  
ATOM   337 H HD12 . LEU A 1 2 ? -1.637 0.702  6.503  1.00 0.00 ? 2 LEU A HD12 6  
ATOM   338 H HD13 . LEU A 1 2 ? -0.052 1.163  7.124  1.00 0.00 ? 2 LEU A HD13 6  
ATOM   339 H HD21 . LEU A 1 2 ? 1.774  -1.377 5.115  1.00 0.00 ? 2 LEU A HD21 6  
ATOM   340 H HD22 . LEU A 1 2 ? 0.450  -2.266 5.869  1.00 0.00 ? 2 LEU A HD22 6  
ATOM   341 H HD23 . LEU A 1 2 ? 1.401  -1.123 6.820  1.00 0.00 ? 2 LEU A HD23 6  
ATOM   342 N N    . GLY A 1 3 ? -1.116 -1.793 0.974  1.00 0.00 ? 3 GLY A N    6  
ATOM   343 C CA   . GLY A 1 3 ? -2.032 -1.909 -0.146 1.00 0.00 ? 3 GLY A CA   6  
ATOM   344 C C    . GLY A 1 3 ? -1.943 -0.621 -0.963 1.00 0.00 ? 3 GLY A C    6  
ATOM   345 O O    . GLY A 1 3 ? -2.317 -0.589 -2.136 1.00 0.00 ? 3 GLY A O    6  
ATOM   346 H H    . GLY A 1 3 ? -0.180 -2.047 0.850  1.00 0.00 ? 3 GLY A H    6  
ATOM   347 H HA2  . GLY A 1 3 ? -1.734 -2.750 -0.761 1.00 0.00 ? 3 GLY A HA2  6  
ATOM   348 H HA3  . GLY A 1 3 ? -3.050 -2.059 0.203  1.00 0.00 ? 3 GLY A HA3  6  
ATOM   349 N N    . ALA A 1 4 ? -1.429 0.447  -0.327 1.00 0.00 ? 4 ALA A N    6  
ATOM   350 C CA   . ALA A 1 4 ? -1.280 1.734  -1.001 1.00 0.00 ? 4 ALA A CA   6  
ATOM   351 C C    . ALA A 1 4 ? -0.385 1.629  -2.244 1.00 0.00 ? 4 ALA A C    6  
ATOM   352 O O    . ALA A 1 4 ? -0.602 2.345  -3.222 1.00 0.00 ? 4 ALA A O    6  
ATOM   353 C CB   . ALA A 1 4 ? -0.701 2.765  -0.023 1.00 0.00 ? 4 ALA A CB   6  
ATOM   354 H H    . ALA A 1 4 ? -1.146 0.370  0.620  1.00 0.00 ? 4 ALA A H    6  
ATOM   355 H HA   . ALA A 1 4 ? -2.253 2.070  -1.311 1.00 0.00 ? 4 ALA A HA   6  
ATOM   356 H HB2  . ALA A 1 4 ? 0.157  3.249  -0.460 1.00 0.00 ? 4 ALA A HB2  6  
ATOM   357 H HB3  . ALA A 1 4 ? -1.453 3.508  0.183  1.00 0.00 ? 4 ALA A HB3  6  
ATOM   358 N N    . THR A 1 5 ? 0.614  0.744  -2.214 1.00 0.00 ? 5 THR A N    6  
ATOM   359 C CA   . THR A 1 5 ? 1.505  0.591  -3.359 1.00 0.00 ? 5 THR A CA   6  
ATOM   360 C C    . THR A 1 5 ? 0.722  0.148  -4.590 1.00 0.00 ? 5 THR A C    6  
ATOM   361 O O    . THR A 1 5 ? 0.323  1.011  -5.356 1.00 0.00 ? 5 THR A O    6  
ATOM   362 C CB   . THR A 1 5 ? 2.590  -0.442 -3.044 1.00 0.00 ? 5 THR A CB   6  
ATOM   363 O OG1  . THR A 1 5 ? 3.394  -0.646 -4.198 1.00 0.00 ? 5 THR A OG1  6  
ATOM   364 C CG2  . THR A 1 5 ? 1.940  -1.765 -2.633 1.00 0.00 ? 5 THR A CG2  6  
ATOM   365 O OXT  . THR A 1 5 ? 0.534  -1.048 -4.750 1.00 0.00 ? 5 THR A OXT  6  
ATOM   366 H H    . THR A 1 5 ? 0.758  0.193  -1.421 1.00 0.00 ? 5 THR A H    6  
ATOM   367 H HA   . THR A 1 5 ? 1.977  1.539  -3.566 1.00 0.00 ? 5 THR A HA   6  
ATOM   368 H HB   . THR A 1 5 ? 3.207  -0.083 -2.235 1.00 0.00 ? 5 THR A HB   6  
ATOM   369 H HG1  . THR A 1 5 ? 3.044  -1.404 -4.672 1.00 0.00 ? 5 THR A HG1  6  
ATOM   370 H HG21 . THR A 1 5 ? 0.883  -1.611 -2.473 1.00 0.00 ? 5 THR A HG21 6  
ATOM   371 H HG22 . THR A 1 5 ? 2.395  -2.122 -1.721 1.00 0.00 ? 5 THR A HG22 6  
ATOM   372 H HG23 . THR A 1 5 ? 2.083  -2.494 -3.417 1.00 0.00 ? 5 THR A HG23 6  
HETATM 373 N N    . DCY A 1 1 ? 3.420  0.704  2.171  1.00 0.00 ? 1 DCY A N    7  
HETATM 374 C CA   . DCY A 1 1 ? 2.225  0.794  1.285  1.00 0.00 ? 1 DCY A CA   7  
HETATM 375 C C    . DCY A 1 1 ? 1.256  -0.334 1.626  1.00 0.00 ? 1 DCY A C    7  
HETATM 376 O O    . DCY A 1 1 ? 1.114  -1.291 0.868  1.00 0.00 ? 1 DCY A O    7  
HETATM 377 C CB   . DCY A 1 1 ? 1.547  2.156  1.485  1.00 0.00 ? 1 DCY A CB   7  
HETATM 378 S SG   . DCY A 1 1 ? -0.260 1.949  1.529  1.00 0.00 ? 1 DCY A SG   7  
HETATM 379 H H2   . DCY A 1 1 ? 3.705  -0.291 2.267  1.00 0.00 ? 1 DCY A H2   7  
HETATM 380 H H    . DCY A 1 1 ? 4.201  1.252  1.757  1.00 0.00 ? 1 DCY A H    7  
HETATM 381 H H3   . DCY A 1 1 ? 3.187  1.092  3.108  1.00 0.00 ? 1 DCY A H3   7  
HETATM 382 H HA   . DCY A 1 1 ? 2.535  0.697  0.256  1.00 0.00 ? 1 DCY A HA   7  
HETATM 383 H HB2  . DCY A 1 1 ? 1.824  2.812  0.678  1.00 0.00 ? 1 DCY A HB2  7  
HETATM 384 H HB3  . DCY A 1 1 ? 1.880  2.584  2.419  1.00 0.00 ? 1 DCY A HB3  7  
ATOM   385 N N    . LEU A 1 2 ? 0.578  -0.200 2.762  1.00 0.00 ? 2 LEU A N    7  
ATOM   386 C CA   . LEU A 1 2 ? -0.397 -1.201 3.185  1.00 0.00 ? 2 LEU A CA   7  
ATOM   387 C C    . LEU A 1 2 ? -1.491 -1.292 2.131  1.00 0.00 ? 2 LEU A C    7  
ATOM   388 O O    . LEU A 1 2 ? -2.622 -0.858 2.354  1.00 0.00 ? 2 LEU A O    7  
ATOM   389 C CB   . LEU A 1 2 ? -1.008 -0.806 4.531  1.00 0.00 ? 2 LEU A CB   7  
ATOM   390 C CG   . LEU A 1 2 ? -0.120 -1.320 5.665  1.00 0.00 ? 2 LEU A CG   7  
ATOM   391 C CD1  . LEU A 1 2 ? 1.314  -0.830 5.454  1.00 0.00 ? 2 LEU A CD1  7  
ATOM   392 C CD2  . LEU A 1 2 ? -0.646 -0.797 7.004  1.00 0.00 ? 2 LEU A CD2  7  
ATOM   393 H H    . LEU A 1 2 ? 0.723  0.593  3.312  1.00 0.00 ? 2 LEU A H    7  
ATOM   394 H HA   . LEU A 1 2 ? 0.093  -2.160 3.288  1.00 0.00 ? 2 LEU A HA   7  
ATOM   395 H HB2  . LEU A 1 2 ? -1.082 0.270  4.590  1.00 0.00 ? 2 LEU A HB2  7  
ATOM   396 H HB3  . LEU A 1 2 ? -1.993 -1.240 4.621  1.00 0.00 ? 2 LEU A HB3  7  
ATOM   397 H HG   . LEU A 1 2 ? -0.133 -2.402 5.669  1.00 0.00 ? 2 LEU A HG   7  
ATOM   398 H HD11 . LEU A 1 2 ? 1.882  -0.977 6.361  1.00 0.00 ? 2 LEU A HD11 7  
ATOM   399 H HD12 . LEU A 1 2 ? 1.300  0.220  5.202  1.00 0.00 ? 2 LEU A HD12 7  
ATOM   400 H HD13 . LEU A 1 2 ? 1.769  -1.388 4.648  1.00 0.00 ? 2 LEU A HD13 7  
ATOM   401 H HD21 . LEU A 1 2 ? -0.217 -1.374 7.809  1.00 0.00 ? 2 LEU A HD21 7  
ATOM   402 H HD22 . LEU A 1 2 ? -1.720 -0.886 7.028  1.00 0.00 ? 2 LEU A HD22 7  
ATOM   403 H HD23 . LEU A 1 2 ? -0.367 0.242  7.118  1.00 0.00 ? 2 LEU A HD23 7  
ATOM   404 N N    . GLY A 1 3 ? -1.130 -1.807 0.960  1.00 0.00 ? 3 GLY A N    7  
ATOM   405 C CA   . GLY A 1 3 ? -2.064 -1.897 -0.148 1.00 0.00 ? 3 GLY A CA   7  
ATOM   406 C C    . GLY A 1 3 ? -1.957 -0.610 -0.964 1.00 0.00 ? 3 GLY A C    7  
ATOM   407 O O    . GLY A 1 3 ? -2.311 -0.579 -2.143 1.00 0.00 ? 3 GLY A O    7  
ATOM   408 H H    . GLY A 1 3 ? -0.205 -2.100 0.825  1.00 0.00 ? 3 GLY A H    7  
ATOM   409 H HA2  . GLY A 1 3 ? -1.792 -2.741 -0.771 1.00 0.00 ? 3 GLY A HA2  7  
ATOM   410 H HA3  . GLY A 1 3 ? -3.080 -2.026 0.214  1.00 0.00 ? 3 GLY A HA3  7  
ATOM   411 N N    . ALA A 1 4 ? -1.450 0.461  -0.324 1.00 0.00 ? 4 ALA A N    7  
ATOM   412 C CA   . ALA A 1 4 ? -1.287 1.741  -1.003 1.00 0.00 ? 4 ALA A CA   7  
ATOM   413 C C    . ALA A 1 4 ? -0.379 1.622  -2.234 1.00 0.00 ? 4 ALA A C    7  
ATOM   414 O O    . ALA A 1 4 ? -0.583 2.327  -3.222 1.00 0.00 ? 4 ALA A O    7  
ATOM   415 C CB   . ALA A 1 4 ? -0.714 2.776  -0.026 1.00 0.00 ? 4 ALA A CB   7  
ATOM   416 H H    . ALA A 1 4 ? -1.181 0.387  0.628  1.00 0.00 ? 4 ALA A H    7  
ATOM   417 H HA   . ALA A 1 4 ? -2.254 2.080  -1.327 1.00 0.00 ? 4 ALA A HA   7  
ATOM   418 H HB2  . ALA A 1 4 ? 0.144  3.262  -0.462 1.00 0.00 ? 4 ALA A HB2  7  
ATOM   419 H HB3  . ALA A 1 4 ? -1.469 3.517  0.176  1.00 0.00 ? 4 ALA A HB3  7  
ATOM   420 N N    . THR A 1 5 ? 0.619  0.735  -2.185 1.00 0.00 ? 5 THR A N    7  
ATOM   421 C CA   . THR A 1 5 ? 1.521  0.563  -3.319 1.00 0.00 ? 5 THR A CA   7  
ATOM   422 C C    . THR A 1 5 ? 0.752  0.102  -4.553 1.00 0.00 ? 5 THR A C    7  
ATOM   423 O O    . THR A 1 5 ? 0.909  0.722  -5.591 1.00 0.00 ? 5 THR A O    7  
ATOM   424 C CB   . THR A 1 5 ? 2.603  -0.464 -2.977 1.00 0.00 ? 5 THR A CB   7  
ATOM   425 O OG1  . THR A 1 5 ? 3.098  -0.211 -1.671 1.00 0.00 ? 5 THR A OG1  7  
ATOM   426 C CG2  . THR A 1 5 ? 3.747  -0.358 -3.987 1.00 0.00 ? 5 THR A CG2  7  
ATOM   427 O OXT  . THR A 1 5 ? 0.017  -0.866 -4.441 1.00 0.00 ? 5 THR A OXT  7  
ATOM   428 H H    . THR A 1 5 ? 0.751  0.191  -1.384 1.00 0.00 ? 5 THR A H    7  
ATOM   429 H HA   . THR A 1 5 ? 1.996  1.508  -3.535 1.00 0.00 ? 5 THR A HA   7  
ATOM   430 H HB   . THR A 1 5 ? 2.182  -1.457 -3.019 1.00 0.00 ? 5 THR A HB   7  
ATOM   431 H HG1  . THR A 1 5 ? 2.723  -0.870 -1.080 1.00 0.00 ? 5 THR A HG1  7  
ATOM   432 H HG21 . THR A 1 5 ? 4.219  -1.322 -4.098 1.00 0.00 ? 5 THR A HG21 7  
ATOM   433 H HG22 . THR A 1 5 ? 4.472  0.361  -3.635 1.00 0.00 ? 5 THR A HG22 7  
ATOM   434 H HG23 . THR A 1 5 ? 3.356  -0.037 -4.941 1.00 0.00 ? 5 THR A HG23 7  
HETATM 435 N N    . DCY A 1 1 ? 3.420  0.660  2.140  1.00 0.00 ? 1 DCY A N    8  
HETATM 436 C CA   . DCY A 1 1 ? 2.234  0.735  1.241  1.00 0.00 ? 1 DCY A CA   8  
HETATM 437 C C    . DCY A 1 1 ? 1.242  -0.360 1.617  1.00 0.00 ? 1 DCY A C    8  
HETATM 438 O O    . DCY A 1 1 ? 1.075  -1.332 0.882  1.00 0.00 ? 1 DCY A O    8  
HETATM 439 C CB   . DCY A 1 1 ? 1.581  2.119  1.372  1.00 0.00 ? 1 DCY A CB   8  
HETATM 440 S SG   . DCY A 1 1 ? -0.225 1.943  1.517  1.00 0.00 ? 1 DCY A SG   8  
HETATM 441 H H2   . DCY A 1 1 ? 3.113  0.369  3.091  1.00 0.00 ? 1 DCY A H2   8  
HETATM 442 H H    . DCY A 1 1 ? 4.098  -0.034 1.766  1.00 0.00 ? 1 DCY A H    8  
HETATM 443 H H3   . DCY A 1 1 ? 3.875  1.593  2.192  1.00 0.00 ? 1 DCY A H3   8  
HETATM 444 H HA   . DCY A 1 1 ? 2.550  0.589  0.218  1.00 0.00 ? 1 DCY A HA   8  
HETATM 445 H HB2  . DCY A 1 1 ? 1.826  2.710  0.508  1.00 0.00 ? 1 DCY A HB2  8  
HETATM 446 H HB3  . DCY A 1 1 ? 1.963  2.607  2.257  1.00 0.00 ? 1 DCY A HB3  8  
ATOM   447 N N    . LEU A 1 2 ? 0.573  -0.183 2.753  1.00 0.00 ? 2 LEU A N    8  
ATOM   448 C CA   . LEU A 1 2 ? -0.423 -1.152 3.202  1.00 0.00 ? 2 LEU A CA   8  
ATOM   449 C C    . LEU A 1 2 ? -1.507 -1.261 2.136  1.00 0.00 ? 2 LEU A C    8  
ATOM   450 O O    . LEU A 1 2 ? -2.634 -0.808 2.332  1.00 0.00 ? 2 LEU A O    8  
ATOM   451 C CB   . LEU A 1 2 ? -1.043 -0.690 4.522  1.00 0.00 ? 2 LEU A CB   8  
ATOM   452 C CG   . LEU A 1 2 ? -1.448 -1.910 5.351  1.00 0.00 ? 2 LEU A CG   8  
ATOM   453 C CD1  . LEU A 1 2 ? -0.286 -2.315 6.261  1.00 0.00 ? 2 LEU A CD1  8  
ATOM   454 C CD2  . LEU A 1 2 ? -2.667 -1.560 6.207  1.00 0.00 ? 2 LEU A CD2  8  
ATOM   455 H H    . LEU A 1 2 ? 0.738  0.620  3.284  1.00 0.00 ? 2 LEU A H    8  
ATOM   456 H HA   . LEU A 1 2 ? 0.048  -2.115 3.348  1.00 0.00 ? 2 LEU A HA   8  
ATOM   457 H HB2  . LEU A 1 2 ? -0.323 -0.102 5.071  1.00 0.00 ? 2 LEU A HB2  8  
ATOM   458 H HB3  . LEU A 1 2 ? -1.919 -0.091 4.318  1.00 0.00 ? 2 LEU A HB3  8  
ATOM   459 H HG   . LEU A 1 2 ? -1.691 -2.729 4.691  1.00 0.00 ? 2 LEU A HG   8  
ATOM   460 H HD11 . LEU A 1 2 ? -0.234 -3.392 6.320  1.00 0.00 ? 2 LEU A HD11 8  
ATOM   461 H HD12 . LEU A 1 2 ? -0.443 -1.907 7.248  1.00 0.00 ? 2 LEU A HD12 8  
ATOM   462 H HD13 . LEU A 1 2 ? 0.639  -1.930 5.857  1.00 0.00 ? 2 LEU A HD13 8  
ATOM   463 H HD21 . LEU A 1 2 ? -3.556 -1.586 5.593  1.00 0.00 ? 2 LEU A HD21 8  
ATOM   464 H HD22 . LEU A 1 2 ? -2.546 -0.571 6.620  1.00 0.00 ? 2 LEU A HD22 8  
ATOM   465 H HD23 . LEU A 1 2 ? -2.763 -2.277 7.008  1.00 0.00 ? 2 LEU A HD23 8  
ATOM   466 N N    . GLY A 1 3 ? -1.138 -1.814 0.985  1.00 0.00 ? 3 GLY A N    8  
ATOM   467 C CA   . GLY A 1 3 ? -2.058 -1.922 -0.132 1.00 0.00 ? 3 GLY A CA   8  
ATOM   468 C C    . GLY A 1 3 ? -1.968 -0.635 -0.950 1.00 0.00 ? 3 GLY A C    8  
ATOM   469 O O    . GLY A 1 3 ? -2.352 -0.601 -2.119 1.00 0.00 ? 3 GLY A O    8  
ATOM   470 H H    . GLY A 1 3 ? -0.216 -2.121 0.870  1.00 0.00 ? 3 GLY A H    8  
ATOM   471 H HA2  . GLY A 1 3 ? -1.770 -2.765 -0.748 1.00 0.00 ? 3 GLY A HA2  8  
ATOM   472 H HA3  . GLY A 1 3 ? -3.076 -2.066 0.222  1.00 0.00 ? 3 GLY A HA3  8  
ATOM   473 N N    . ALA A 1 4 ? -1.442 0.433  -0.319 1.00 0.00 ? 4 ALA A N    8  
ATOM   474 C CA   . ALA A 1 4 ? -1.296 1.718  -0.998 1.00 0.00 ? 4 ALA A CA   8  
ATOM   475 C C    . ALA A 1 4 ? -0.387 1.620  -2.231 1.00 0.00 ? 4 ALA A C    8  
ATOM   476 O O    . ALA A 1 4 ? -0.613 2.318  -3.218 1.00 0.00 ? 4 ALA A O    8  
ATOM   477 C CB   . ALA A 1 4 ? -0.745 2.764  -0.020 1.00 0.00 ? 4 ALA A CB   8  
ATOM   478 H H    . ALA A 1 4 ? -1.155 0.356  0.626  1.00 0.00 ? 4 ALA A H    8  
ATOM   479 H HA   . ALA A 1 4 ? -2.268 2.040  -1.322 1.00 0.00 ? 4 ALA A HA   8  
ATOM   480 H HB2  . ALA A 1 4 ? 0.083  3.288  -0.469 1.00 0.00 ? 4 ALA A HB2  8  
ATOM   481 H HB3  . ALA A 1 4 ? -1.525 3.472  0.205  1.00 0.00 ? 4 ALA A HB3  8  
ATOM   482 N N    . THR A 1 5 ? 0.637  0.766  -2.180 1.00 0.00 ? 5 THR A N    8  
ATOM   483 C CA   . THR A 1 5 ? 1.543  0.621  -3.313 1.00 0.00 ? 5 THR A CA   8  
ATOM   484 C C    . THR A 1 5 ? 0.860  -0.127 -4.453 1.00 0.00 ? 5 THR A C    8  
ATOM   485 O O    . THR A 1 5 ? -0.134 -0.784 -4.193 1.00 0.00 ? 5 THR A O    8  
ATOM   486 C CB   . THR A 1 5 ? 2.801  -0.137 -2.881 1.00 0.00 ? 5 THR A CB   8  
ATOM   487 O OG1  . THR A 1 5 ? 2.548  -0.807 -1.654 1.00 0.00 ? 5 THR A OG1  8  
ATOM   488 C CG2  . THR A 1 5 ? 3.954  0.851  -2.696 1.00 0.00 ? 5 THR A CG2  8  
ATOM   489 O OXT  . THR A 1 5 ? 1.342  -0.031 -5.570 1.00 0.00 ? 5 THR A OXT  8  
ATOM   490 H H    . THR A 1 5 ? 0.789  0.228  -1.379 1.00 0.00 ? 5 THR A H    8  
ATOM   491 H HA   . THR A 1 5 ? 1.830  1.602  -3.659 1.00 0.00 ? 5 THR A HA   8  
ATOM   492 H HB   . THR A 1 5 ? 3.066  -0.858 -3.638 1.00 0.00 ? 5 THR A HB   8  
ATOM   493 H HG1  . THR A 1 5 ? 1.612  -1.019 -1.619 1.00 0.00 ? 5 THR A HG1  8  
ATOM   494 H HG21 . THR A 1 5 ? 4.712  0.406  -2.066 1.00 0.00 ? 5 THR A HG21 8  
ATOM   495 H HG22 . THR A 1 5 ? 3.586  1.753  -2.234 1.00 0.00 ? 5 THR A HG22 8  
ATOM   496 H HG23 . THR A 1 5 ? 4.382  1.088  -3.659 1.00 0.00 ? 5 THR A HG23 8  
HETATM 497 N N    . DCY A 1 1 ? 3.412  0.668  2.128  1.00 0.00 ? 1 DCY A N    9  
HETATM 498 C CA   . DCY A 1 1 ? 2.231  0.732  1.223  1.00 0.00 ? 1 DCY A CA   9  
HETATM 499 C C    . DCY A 1 1 ? 1.237  -0.360 1.608  1.00 0.00 ? 1 DCY A C    9  
HETATM 500 O O    . DCY A 1 1 ? 1.059  -1.328 0.872  1.00 0.00 ? 1 DCY A O    9  
HETATM 501 C CB   . DCY A 1 1 ? 1.578  2.117  1.335  1.00 0.00 ? 1 DCY A CB   9  
HETATM 502 S SG   . DCY A 1 1 ? -0.224 1.945  1.506  1.00 0.00 ? 1 DCY A SG   9  
HETATM 503 H H2   . DCY A 1 1 ? 3.633  -0.327 2.340  1.00 0.00 ? 1 DCY A H2   9  
HETATM 504 H H    . DCY A 1 1 ? 4.229  1.114  1.665  1.00 0.00 ? 1 DCY A H    9  
HETATM 505 H H3   . DCY A 1 1 ? 3.200  1.172  3.013  1.00 0.00 ? 1 DCY A H3   9  
HETATM 506 H HA   . DCY A 1 1 ? 2.552  0.573  0.204  1.00 0.00 ? 1 DCY A HA   9  
HETATM 507 H HB2  . DCY A 1 1 ? 1.811  2.689  0.453  1.00 0.00 ? 1 DCY A HB2  9  
HETATM 508 H HB3  . DCY A 1 1 ? 1.971  2.625  2.203  1.00 0.00 ? 1 DCY A HB3  9  
ATOM   509 N N    . LEU A 1 2 ? 0.578  -0.185 2.751  1.00 0.00 ? 2 LEU A N    9  
ATOM   510 C CA   . LEU A 1 2 ? -0.417 -1.154 3.203  1.00 0.00 ? 2 LEU A CA   9  
ATOM   511 C C    . LEU A 1 2 ? -1.507 -1.258 2.143  1.00 0.00 ? 2 LEU A C    9  
ATOM   512 O O    . LEU A 1 2 ? -2.630 -0.798 2.345  1.00 0.00 ? 2 LEU A O    9  
ATOM   513 C CB   . LEU A 1 2 ? -1.030 -0.696 4.528  1.00 0.00 ? 2 LEU A CB   9  
ATOM   514 C CG   . LEU A 1 2 ? -0.084 -1.049 5.677  1.00 0.00 ? 2 LEU A CG   9  
ATOM   515 C CD1  . LEU A 1 2 ? 1.164  -0.169 5.602  1.00 0.00 ? 2 LEU A CD1  9  
ATOM   516 C CD2  . LEU A 1 2 ? -0.795 -0.810 7.012  1.00 0.00 ? 2 LEU A CD2  9  
ATOM   517 H H    . LEU A 1 2 ? 0.750  0.616  3.286  1.00 0.00 ? 2 LEU A H    9  
ATOM   518 H HA   . LEU A 1 2 ? 0.053  -2.116 3.343  1.00 0.00 ? 2 LEU A HA   9  
ATOM   519 H HB2  . LEU A 1 2 ? -1.185 0.373  4.503  1.00 0.00 ? 2 LEU A HB2  9  
ATOM   520 H HB3  . LEU A 1 2 ? -1.977 -1.193 4.678  1.00 0.00 ? 2 LEU A HB3  9  
ATOM   521 H HG   . LEU A 1 2 ? 0.202  -2.087 5.602  1.00 0.00 ? 2 LEU A HG   9  
ATOM   522 H HD11 . LEU A 1 2 ? 0.869  0.866  5.504  1.00 0.00 ? 2 LEU A HD11 9  
ATOM   523 H HD12 . LEU A 1 2 ? 1.756  -0.456 4.745  1.00 0.00 ? 2 LEU A HD12 9  
ATOM   524 H HD13 . LEU A 1 2 ? 1.748  -0.293 6.501  1.00 0.00 ? 2 LEU A HD13 9  
ATOM   525 H HD21 . LEU A 1 2 ? -1.651 -0.171 6.855  1.00 0.00 ? 2 LEU A HD21 9  
ATOM   526 H HD22 . LEU A 1 2 ? -0.114 -0.336 7.702  1.00 0.00 ? 2 LEU A HD22 9  
ATOM   527 H HD23 . LEU A 1 2 ? -1.122 -1.755 7.421  1.00 0.00 ? 2 LEU A HD23 9  
ATOM   528 N N    . GLY A 1 3 ? -1.148 -1.817 0.992  1.00 0.00 ? 3 GLY A N    9  
ATOM   529 C CA   . GLY A 1 3 ? -2.074 -1.923 -0.120 1.00 0.00 ? 3 GLY A CA   9  
ATOM   530 C C    . GLY A 1 3 ? -1.984 -0.638 -0.944 1.00 0.00 ? 3 GLY A C    9  
ATOM   531 O O    . GLY A 1 3 ? -2.378 -0.607 -2.109 1.00 0.00 ? 3 GLY A O    9  
ATOM   532 H H    . GLY A 1 3 ? -0.227 -2.131 0.873  1.00 0.00 ? 3 GLY A H    9  
ATOM   533 H HA2  . GLY A 1 3 ? -1.793 -2.768 -0.736 1.00 0.00 ? 3 GLY A HA2  9  
ATOM   534 H HA3  . GLY A 1 3 ? -3.091 -2.063 0.241  1.00 0.00 ? 3 GLY A HA3  9  
ATOM   535 N N    . ALA A 1 4 ? -1.449 0.428  -0.321 1.00 0.00 ? 4 ALA A N    9  
ATOM   536 C CA   . ALA A 1 4 ? -1.302 1.711  -1.005 1.00 0.00 ? 4 ALA A CA   9  
ATOM   537 C C    . ALA A 1 4 ? -0.386 1.614  -2.233 1.00 0.00 ? 4 ALA A C    9  
ATOM   538 O O    . ALA A 1 4 ? -0.621 2.296  -3.231 1.00 0.00 ? 4 ALA A O    9  
ATOM   539 C CB   . ALA A 1 4 ? -0.764 2.763  -0.026 1.00 0.00 ? 4 ALA A CB   9  
ATOM   540 H H    . ALA A 1 4 ? -1.154 0.354  0.622  1.00 0.00 ? 4 ALA A H    9  
ATOM   541 H HA   . ALA A 1 4 ? -2.273 2.027  -1.337 1.00 0.00 ? 4 ALA A HA   9  
ATOM   542 H HB2  . ALA A 1 4 ? 0.052  3.303  -0.476 1.00 0.00 ? 4 ALA A HB2  9  
ATOM   543 H HB3  . ALA A 1 4 ? -1.555 3.457  0.206  1.00 0.00 ? 4 ALA A HB3  9  
ATOM   544 N N    . THR A 1 5 ? 0.652  0.777  -2.172 1.00 0.00 ? 5 THR A N    9  
ATOM   545 C CA   . THR A 1 5 ? 1.563  0.634  -3.303 1.00 0.00 ? 5 THR A CA   9  
ATOM   546 C C    . THR A 1 5 ? 0.855  -0.028 -4.480 1.00 0.00 ? 5 THR A C    9  
ATOM   547 O O    . THR A 1 5 ? 0.012  -0.877 -4.238 1.00 0.00 ? 5 THR A O    9  
ATOM   548 C CB   . THR A 1 5 ? 2.775  -0.207 -2.894 1.00 0.00 ? 5 THR A CB   9  
ATOM   549 O OG1  . THR A 1 5 ? 3.454  -0.652 -4.061 1.00 0.00 ? 5 THR A OG1  9  
ATOM   550 C CG2  . THR A 1 5 ? 2.309  -1.414 -2.080 1.00 0.00 ? 5 THR A CG2  9  
ATOM   551 O OXT  . THR A 1 5 ? 1.166  0.323  -5.606 1.00 0.00 ? 5 THR A OXT  9  
ATOM   552 H H    . THR A 1 5 ? 0.811  0.249  -1.367 1.00 0.00 ? 5 THR A H    9  
ATOM   553 H HA   . THR A 1 5 ? 1.904  1.612  -3.604 1.00 0.00 ? 5 THR A HA   9  
ATOM   554 H HB   . THR A 1 5 ? 3.443  0.391  -2.294 1.00 0.00 ? 5 THR A HB   9  
ATOM   555 H HG1  . THR A 1 5 ? 3.288  -1.592 -4.161 1.00 0.00 ? 5 THR A HG1  9  
ATOM   556 H HG21 . THR A 1 5 ? 2.524  -1.248 -1.035 1.00 0.00 ? 5 THR A HG21 9  
ATOM   557 H HG22 . THR A 1 5 ? 2.830  -2.299 -2.417 1.00 0.00 ? 5 THR A HG22 9  
ATOM   558 H HG23 . THR A 1 5 ? 1.246  -1.550 -2.212 1.00 0.00 ? 5 THR A HG23 9  
HETATM 559 N N    . DCY A 1 1 ? 3.401  0.692  2.105  1.00 0.00 ? 1 DCY A N    10 
HETATM 560 C CA   . DCY A 1 1 ? 2.211  0.790  1.215  1.00 0.00 ? 1 DCY A CA   10 
HETATM 561 C C    . DCY A 1 1 ? 1.227  -0.322 1.566  1.00 0.00 ? 1 DCY A C    10 
HETATM 562 O O    . DCY A 1 1 ? 1.021  -1.247 0.780  1.00 0.00 ? 1 DCY A O    10 
HETATM 563 C CB   . DCY A 1 1 ? 1.550  2.164  1.394  1.00 0.00 ? 1 DCY A CB   10 
HETATM 564 S SG   . DCY A 1 1 ? -0.257 1.974  1.516  1.00 0.00 ? 1 DCY A SG   10 
HETATM 565 H H2   . DCY A 1 1 ? 4.229  1.097  1.622  1.00 0.00 ? 1 DCY A H2   10 
HETATM 566 H H    . DCY A 1 1 ? 3.222  1.218  2.984  1.00 0.00 ? 1 DCY A H    10 
HETATM 567 H H3   . DCY A 1 1 ? 3.585  -0.305 2.331  1.00 0.00 ? 1 DCY A H3   10 
HETATM 568 H HA   . DCY A 1 1 ? 2.523  0.678  0.186  1.00 0.00 ? 1 DCY A HA   10 
HETATM 569 H HB2  . DCY A 1 1 ? 1.800  2.790  0.554  1.00 0.00 ? 1 DCY A HB2  10 
HETATM 570 H HB3  . DCY A 1 1 ? 1.923  2.620  2.301  1.00 0.00 ? 1 DCY A HB3  10 
ATOM   571 N N    . LEU A 1 2 ? 0.610  -0.213 2.740  1.00 0.00 ? 2 LEU A N    10 
ATOM   572 C CA   . LEU A 1 2 ? -0.372 -1.204 3.173  1.00 0.00 ? 2 LEU A CA   10 
ATOM   573 C C    . LEU A 1 2 ? -1.482 -1.279 2.132  1.00 0.00 ? 2 LEU A C    10 
ATOM   574 O O    . LEU A 1 2 ? -2.597 -0.811 2.361  1.00 0.00 ? 2 LEU A O    10 
ATOM   575 C CB   . LEU A 1 2 ? -0.961 -0.796 4.526  1.00 0.00 ? 2 LEU A CB   10 
ATOM   576 C CG   . LEU A 1 2 ? -1.248 -2.046 5.358  1.00 0.00 ? 2 LEU A CG   10 
ATOM   577 C CD1  . LEU A 1 2 ? -1.561 -1.642 6.798  1.00 0.00 ? 2 LEU A CD1  10 
ATOM   578 C CD2  . LEU A 1 2 ? -2.450 -2.787 4.764  1.00 0.00 ? 2 LEU A CD2  10 
ATOM   579 H H    . LEU A 1 2 ? 0.806  0.554  3.315  1.00 0.00 ? 2 LEU A H    10 
ATOM   580 H HA   . LEU A 1 2 ? 0.104  -2.169 3.271  1.00 0.00 ? 2 LEU A HA   10 
ATOM   581 H HB2  . LEU A 1 2 ? -0.255 -0.168 5.050  1.00 0.00 ? 2 LEU A HB2  10 
ATOM   582 H HB3  . LEU A 1 2 ? -1.880 -0.252 4.369  1.00 0.00 ? 2 LEU A HB3  10 
ATOM   583 H HG   . LEU A 1 2 ? -0.382 -2.695 5.346  1.00 0.00 ? 2 LEU A HG   10 
ATOM   584 H HD11 . LEU A 1 2 ? -1.790 -2.522 7.379  1.00 0.00 ? 2 LEU A HD11 10 
ATOM   585 H HD12 . LEU A 1 2 ? -2.409 -0.973 6.809  1.00 0.00 ? 2 LEU A HD12 10 
ATOM   586 H HD13 . LEU A 1 2 ? -0.703 -1.142 7.226  1.00 0.00 ? 2 LEU A HD13 10 
ATOM   587 H HD21 . LEU A 1 2 ? -2.231 -3.067 3.743  1.00 0.00 ? 2 LEU A HD21 10 
ATOM   588 H HD22 . LEU A 1 2 ? -3.315 -2.141 4.783  1.00 0.00 ? 2 LEU A HD22 10 
ATOM   589 H HD23 . LEU A 1 2 ? -2.649 -3.674 5.347  1.00 0.00 ? 2 LEU A HD23 10 
ATOM   590 N N    . GLY A 1 3 ? -1.152 -1.821 0.965  1.00 0.00 ? 3 GLY A N    10 
ATOM   591 C CA   . GLY A 1 3 ? -2.102 -1.897 -0.129 1.00 0.00 ? 3 GLY A CA   10 
ATOM   592 C C    . GLY A 1 3 ? -1.985 -0.614 -0.954 1.00 0.00 ? 3 GLY A C    10 
ATOM   593 O O    . GLY A 1 3 ? -2.332 -0.592 -2.134 1.00 0.00 ? 3 GLY A O    10 
ATOM   594 H H    . GLY A 1 3 ? -0.238 -2.141 0.821  1.00 0.00 ? 3 GLY A H    10 
ATOM   595 H HA2  . GLY A 1 3 ? -1.857 -2.749 -0.752 1.00 0.00 ? 3 GLY A HA2  10 
ATOM   596 H HA3  . GLY A 1 3 ? -3.115 -2.007 0.250  1.00 0.00 ? 3 GLY A HA3  10 
ATOM   597 N N    . ALA A 1 4 ? -1.480 0.460  -0.318 1.00 0.00 ? 4 ALA A N    10 
ATOM   598 C CA   . ALA A 1 4 ? -1.309 1.735  -1.008 1.00 0.00 ? 4 ALA A CA   10 
ATOM   599 C C    . ALA A 1 4 ? -0.372 1.611  -2.220 1.00 0.00 ? 4 ALA A C    10 
ATOM   600 O O    . ALA A 1 4 ? -0.573 2.296  -3.225 1.00 0.00 ? 4 ALA A O    10 
ATOM   601 C CB   . ALA A 1 4 ? -0.766 2.787  -0.031 1.00 0.00 ? 4 ALA A CB   10 
ATOM   602 H H    . ALA A 1 4 ? -1.217 0.395  0.635  1.00 0.00 ? 4 ALA A H    10 
ATOM   603 H HA   . ALA A 1 4 ? -2.272 2.062  -1.357 1.00 0.00 ? 4 ALA A HA   10 
ATOM   604 H HB2  . ALA A 1 4 ? 0.065  3.309  -0.474 1.00 0.00 ? 4 ALA A HB2  10 
ATOM   605 H HB3  . ALA A 1 4 ? -1.549 3.495  0.187  1.00 0.00 ? 4 ALA A HB3  10 
ATOM   606 N N    . THR A 1 5 ? 0.643  0.747  -2.138 1.00 0.00 ? 5 THR A N    10 
ATOM   607 C CA   . THR A 1 5 ? 1.572  0.577  -3.250 1.00 0.00 ? 5 THR A CA   10 
ATOM   608 C C    . THR A 1 5 ? 1.186  -0.637 -4.088 1.00 0.00 ? 5 THR A C    10 
ATOM   609 O O    . THR A 1 5 ? 1.456  -1.744 -3.650 1.00 0.00 ? 5 THR A O    10 
ATOM   610 C CB   . THR A 1 5 ? 3.000  0.401  -2.726 1.00 0.00 ? 5 THR A CB   10 
ATOM   611 O OG1  . THR A 1 5 ? 2.993  -0.484 -1.615 1.00 0.00 ? 5 THR A OG1  10 
ATOM   612 C CG2  . THR A 1 5 ? 3.558  1.760  -2.297 1.00 0.00 ? 5 THR A CG2  10 
ATOM   613 O OXT  . THR A 1 5 ? 0.628  -0.444 -5.156 1.00 0.00 ? 5 THR A OXT  10 
ATOM   614 H H    . THR A 1 5 ? 0.772  0.221  -1.328 1.00 0.00 ? 5 THR A H    10 
ATOM   615 H HA   . THR A 1 5 ? 1.536  1.458  -3.871 1.00 0.00 ? 5 THR A HA   10 
ATOM   616 H HB   . THR A 1 5 ? 3.622  -0.007 -3.507 1.00 0.00 ? 5 THR A HB   10 
ATOM   617 H HG1  . THR A 1 5 ? 3.548  -0.103 -0.929 1.00 0.00 ? 5 THR A HG1  10 
ATOM   618 H HG21 . THR A 1 5 ? 2.764  2.491  -2.292 1.00 0.00 ? 5 THR A HG21 10 
ATOM   619 H HG22 . THR A 1 5 ? 4.327  2.068  -2.991 1.00 0.00 ? 5 THR A HG22 10 
ATOM   620 H HG23 . THR A 1 5 ? 3.981  1.680  -1.306 1.00 0.00 ? 5 THR A HG23 10 
HETATM 621 N N    . DCY A 1 1 ? 3.384  0.716  2.109  1.00 0.00 ? 1 DCY A N    11 
HETATM 622 C CA   . DCY A 1 1 ? 2.204  0.790  1.204  1.00 0.00 ? 1 DCY A CA   11 
HETATM 623 C C    . DCY A 1 1 ? 1.220  -0.321 1.561  1.00 0.00 ? 1 DCY A C    11 
HETATM 624 O O    . DCY A 1 1 ? 1.003  -1.241 0.774  1.00 0.00 ? 1 DCY A O    11 
HETATM 625 C CB   . DCY A 1 1 ? 1.538  2.166  1.347  1.00 0.00 ? 1 DCY A CB   11 
HETATM 626 S SG   . DCY A 1 1 ? -0.265 1.977  1.490  1.00 0.00 ? 1 DCY A SG   11 
HETATM 627 H H2   . DCY A 1 1 ? 3.892  -0.177 1.945  1.00 0.00 ? 1 DCY A H2   11 
HETATM 628 H H    . DCY A 1 1 ? 4.020  1.516  1.917  1.00 0.00 ? 1 DCY A H    11 
HETATM 629 H H3   . DCY A 1 1 ? 3.066  0.758  3.098  1.00 0.00 ? 1 DCY A H3   11 
HETATM 630 H HA   . DCY A 1 1 ? 2.528  0.658  0.183  1.00 0.00 ? 1 DCY A HA   11 
HETATM 631 H HB2  . DCY A 1 1 ? 1.780  2.767  0.488  1.00 0.00 ? 1 DCY A HB2  11 
HETATM 632 H HB3  . DCY A 1 1 ? 1.916  2.650  2.237  1.00 0.00 ? 1 DCY A HB3  11 
ATOM   633 N N    . LEU A 1 2 ? 0.618  -0.221 2.745  1.00 0.00 ? 2 LEU A N    11 
ATOM   634 C CA   . LEU A 1 2 ? -0.357 -1.217 3.181  1.00 0.00 ? 2 LEU A CA   11 
ATOM   635 C C    . LEU A 1 2 ? -1.484 -1.289 2.155  1.00 0.00 ? 2 LEU A C    11 
ATOM   636 O O    . LEU A 1 2 ? -2.599 -0.835 2.410  1.00 0.00 ? 2 LEU A O    11 
ATOM   637 C CB   . LEU A 1 2 ? -0.930 -0.827 4.547  1.00 0.00 ? 2 LEU A CB   11 
ATOM   638 C CG   . LEU A 1 2 ? 0.122  -1.065 5.631  1.00 0.00 ? 2 LEU A CG   11 
ATOM   639 C CD1  . LEU A 1 2 ? -0.354 -0.449 6.948  1.00 0.00 ? 2 LEU A CD1  11 
ATOM   640 C CD2  . LEU A 1 2 ? 0.329  -2.570 5.820  1.00 0.00 ? 2 LEU A CD2  11 
ATOM   641 H H    . LEU A 1 2 ? 0.823  0.540  3.324  1.00 0.00 ? 2 LEU A H    11 
ATOM   642 H HA   . LEU A 1 2 ? 0.125  -2.182 3.266  1.00 0.00 ? 2 LEU A HA   11 
ATOM   643 H HB2  . LEU A 1 2 ? -1.207 0.218  4.535  1.00 0.00 ? 2 LEU A HB2  11 
ATOM   644 H HB3  . LEU A 1 2 ? -1.801 -1.427 4.757  1.00 0.00 ? 2 LEU A HB3  11 
ATOM   645 H HG   . LEU A 1 2 ? 1.054  -0.605 5.336  1.00 0.00 ? 2 LEU A HG   11 
ATOM   646 H HD11 . LEU A 1 2 ? -0.091 -1.101 7.768  1.00 0.00 ? 2 LEU A HD11 11 
ATOM   647 H HD12 . LEU A 1 2 ? -1.426 -0.321 6.918  1.00 0.00 ? 2 LEU A HD12 11 
ATOM   648 H HD13 . LEU A 1 2 ? 0.120  0.512  7.087  1.00 0.00 ? 2 LEU A HD13 11 
ATOM   649 H HD21 . LEU A 1 2 ? -0.540 -3.100 5.458  1.00 0.00 ? 2 LEU A HD21 11 
ATOM   650 H HD22 . LEU A 1 2 ? 0.471  -2.785 6.869  1.00 0.00 ? 2 LEU A HD22 11 
ATOM   651 H HD23 . LEU A 1 2 ? 1.201  -2.887 5.266  1.00 0.00 ? 2 LEU A HD23 11 
ATOM   652 N N    . GLY A 1 3 ? -1.168 -1.818 0.976  1.00 0.00 ? 3 GLY A N    11 
ATOM   653 C CA   . GLY A 1 3 ? -2.134 -1.893 -0.105 1.00 0.00 ? 3 GLY A CA   11 
ATOM   654 C C    . GLY A 1 3 ? -2.025 -0.618 -0.942 1.00 0.00 ? 3 GLY A C    11 
ATOM   655 O O    . GLY A 1 3 ? -2.414 -0.595 -2.109 1.00 0.00 ? 3 GLY A O    11 
ATOM   656 H H    . GLY A 1 3 ? -0.253 -2.131 0.817  1.00 0.00 ? 3 GLY A H    11 
ATOM   657 H HA2  . GLY A 1 3 ? -1.904 -2.751 -0.723 1.00 0.00 ? 3 GLY A HA2  11 
ATOM   658 H HA3  . GLY A 1 3 ? -3.143 -1.995 0.289  1.00 0.00 ? 3 GLY A HA3  11 
ATOM   659 N N    . ALA A 1 4 ? -1.480 0.450  -0.330 1.00 0.00 ? 4 ALA A N    11 
ATOM   660 C CA   . ALA A 1 4 ? -1.313 1.721  -1.030 1.00 0.00 ? 4 ALA A CA   11 
ATOM   661 C C    . ALA A 1 4 ? -0.372 1.602  -2.239 1.00 0.00 ? 4 ALA A C    11 
ATOM   662 O O    . ALA A 1 4 ? -0.587 2.263  -3.255 1.00 0.00 ? 4 ALA A O    11 
ATOM   663 C CB   . ALA A 1 4 ? -0.787 2.783  -0.055 1.00 0.00 ? 4 ALA A CB   11 
ATOM   664 H H    . ALA A 1 4 ? -1.188 0.385  0.615  1.00 0.00 ? 4 ALA A H    11 
ATOM   665 H HA   . ALA A 1 4 ? -2.276 2.038  -1.385 1.00 0.00 ? 4 ALA A HA   11 
ATOM   666 H HB2  . ALA A 1 4 ? 0.035  3.319  -0.500 1.00 0.00 ? 4 ALA A HB2  11 
ATOM   667 H HB3  . ALA A 1 4 ? -1.580 3.477  0.161  1.00 0.00 ? 4 ALA A HB3  11 
ATOM   668 N N    . THR A 1 5 ? 0.667  0.765  -2.142 1.00 0.00 ? 5 THR A N    11 
ATOM   669 C CA   . THR A 1 5 ? 1.601  0.599  -3.251 1.00 0.00 ? 5 THR A CA   11 
ATOM   670 C C    . THR A 1 5 ? 0.999  -0.298 -4.326 1.00 0.00 ? 5 THR A C    11 
ATOM   671 O O    . THR A 1 5 ? -0.006 -0.931 -4.049 1.00 0.00 ? 5 THR A O    11 
ATOM   672 C CB   . THR A 1 5 ? 2.908  -0.015 -2.744 1.00 0.00 ? 5 THR A CB   11 
ATOM   673 O OG1  . THR A 1 5 ? 2.649  -0.780 -1.574 1.00 0.00 ? 5 THR A OG1  11 
ATOM   674 C CG2  . THR A 1 5 ? 3.906  1.098  -2.419 1.00 0.00 ? 5 THR A CG2  11 
ATOM   675 O OXT  . THR A 1 5 ? 1.552  -0.339 -5.413 1.00 0.00 ? 5 THR A OXT  11 
ATOM   676 H H    . THR A 1 5 ? 0.810  0.254  -1.324 1.00 0.00 ? 5 THR A H    11 
ATOM   677 H HA   . THR A 1 5 ? 1.813  1.567  -3.679 1.00 0.00 ? 5 THR A HA   11 
ATOM   678 H HB   . THR A 1 5 ? 3.326  -0.654 -3.507 1.00 0.00 ? 5 THR A HB   11 
ATOM   679 H HG1  . THR A 1 5 ? 3.341  -0.591 -0.938 1.00 0.00 ? 5 THR A HG1  11 
ATOM   680 H HG21 . THR A 1 5 ? 4.870  0.662  -2.194 1.00 0.00 ? 5 THR A HG21 11 
ATOM   681 H HG22 . THR A 1 5 ? 3.556  1.656  -1.563 1.00 0.00 ? 5 THR A HG22 11 
ATOM   682 H HG23 . THR A 1 5 ? 3.999  1.759  -3.268 1.00 0.00 ? 5 THR A HG23 11 
HETATM 683 N N    . DCY A 1 1 ? 3.418  0.663  2.148  1.00 0.00 ? 1 DCY A N    12 
HETATM 684 C CA   . DCY A 1 1 ? 2.235  0.734  1.246  1.00 0.00 ? 1 DCY A CA   12 
HETATM 685 C C    . DCY A 1 1 ? 1.242  -0.360 1.623  1.00 0.00 ? 1 DCY A C    12 
HETATM 686 O O    . DCY A 1 1 ? 1.079  -1.335 0.891  1.00 0.00 ? 1 DCY A O    12 
HETATM 687 C CB   . DCY A 1 1 ? 1.583  2.117  1.370  1.00 0.00 ? 1 DCY A CB   12 
HETATM 688 S SG   . DCY A 1 1 ? -0.222 1.945  1.516  1.00 0.00 ? 1 DCY A SG   12 
HETATM 689 H H2   . DCY A 1 1 ? 3.734  -0.325 2.229  1.00 0.00 ? 1 DCY A H2   12 
HETATM 690 H H    . DCY A 1 1 ? 4.186  1.244  1.760  1.00 0.00 ? 1 DCY A H    12 
HETATM 691 H H3   . DCY A 1 1 ? 3.158  1.022  3.090  1.00 0.00 ? 1 DCY A H3   12 
HETATM 692 H HA   . DCY A 1 1 ? 2.554  0.583  0.224  1.00 0.00 ? 1 DCY A HA   12 
HETATM 693 H HB2  . DCY A 1 1 ? 1.829  2.704  0.501  1.00 0.00 ? 1 DCY A HB2  12 
HETATM 694 H HB3  . DCY A 1 1 ? 1.965  2.611  2.252  1.00 0.00 ? 1 DCY A HB3  12 
ATOM   695 N N    . LEU A 1 2 ? 0.569  -0.182 2.758  1.00 0.00 ? 2 LEU A N    12 
ATOM   696 C CA   . LEU A 1 2 ? -0.427 -1.152 3.204  1.00 0.00 ? 2 LEU A CA   12 
ATOM   697 C C    . LEU A 1 2 ? -1.508 -1.261 2.136  1.00 0.00 ? 2 LEU A C    12 
ATOM   698 O O    . LEU A 1 2 ? -2.637 -0.810 2.330  1.00 0.00 ? 2 LEU A O    12 
ATOM   699 C CB   . LEU A 1 2 ? -1.052 -0.694 4.525  1.00 0.00 ? 2 LEU A CB   12 
ATOM   700 C CG   . LEU A 1 2 ? 0.025  -0.653 5.610  1.00 0.00 ? 2 LEU A CG   12 
ATOM   701 C CD1  . LEU A 1 2 ? -0.565 -0.071 6.898  1.00 0.00 ? 2 LEU A CD1  12 
ATOM   702 C CD2  . LEU A 1 2 ? 0.531  -2.073 5.875  1.00 0.00 ? 2 LEU A CD2  12 
ATOM   703 H H    . LEU A 1 2 ? 0.730  0.623  3.287  1.00 0.00 ? 2 LEU A H    12 
ATOM   704 H HA   . LEU A 1 2 ? 0.044  -2.114 3.350  1.00 0.00 ? 2 LEU A HA   12 
ATOM   705 H HB2  . LEU A 1 2 ? -1.474 0.293  4.399  1.00 0.00 ? 2 LEU A HB2  12 
ATOM   706 H HB3  . LEU A 1 2 ? -1.828 -1.386 4.815  1.00 0.00 ? 2 LEU A HB3  12 
ATOM   707 H HG   . LEU A 1 2 ? 0.845  -0.032 5.279  1.00 0.00 ? 2 LEU A HG   12 
ATOM   708 H HD11 . LEU A 1 2 ? -1.583 0.242  6.719  1.00 0.00 ? 2 LEU A HD11 12 
ATOM   709 H HD12 . LEU A 1 2 ? 0.023  0.779  7.210  1.00 0.00 ? 2 LEU A HD12 12 
ATOM   710 H HD13 . LEU A 1 2 ? -0.552 -0.823 7.673  1.00 0.00 ? 2 LEU A HD13 12 
ATOM   711 H HD21 . LEU A 1 2 ? 0.698  -2.203 6.935  1.00 0.00 ? 2 LEU A HD21 12 
ATOM   712 H HD22 . LEU A 1 2 ? 1.457  -2.230 5.344  1.00 0.00 ? 2 LEU A HD22 12 
ATOM   713 H HD23 . LEU A 1 2 ? -0.204 -2.787 5.537  1.00 0.00 ? 2 LEU A HD23 12 
ATOM   714 N N    . GLY A 1 3 ? -1.134 -1.813 0.987  1.00 0.00 ? 3 GLY A N    12 
ATOM   715 C CA   . GLY A 1 3 ? -2.050 -1.922 -0.134 1.00 0.00 ? 3 GLY A CA   12 
ATOM   716 C C    . GLY A 1 3 ? -1.959 -0.633 -0.951 1.00 0.00 ? 3 GLY A C    12 
ATOM   717 O O    . GLY A 1 3 ? -2.334 -0.603 -2.123 1.00 0.00 ? 3 GLY A O    12 
ATOM   718 H H    . GLY A 1 3 ? -0.212 -2.119 0.876  1.00 0.00 ? 3 GLY A H    12 
ATOM   719 H HA2  . GLY A 1 3 ? -1.756 -2.762 -0.749 1.00 0.00 ? 3 GLY A HA2  12 
ATOM   720 H HA3  . GLY A 1 3 ? -3.069 -2.068 0.216  1.00 0.00 ? 3 GLY A HA3  12 
ATOM   721 N N    . ALA A 1 4 ? -1.442 0.436  -0.318 1.00 0.00 ? 4 ALA A N    12 
ATOM   722 C CA   . ALA A 1 4 ? -1.296 1.721  -0.997 1.00 0.00 ? 4 ALA A CA   12 
ATOM   723 C C    . ALA A 1 4 ? -0.390 1.619  -2.233 1.00 0.00 ? 4 ALA A C    12 
ATOM   724 O O    . ALA A 1 4 ? -0.625 2.307  -3.227 1.00 0.00 ? 4 ALA A O    12 
ATOM   725 C CB   . ALA A 1 4 ? -0.741 2.767  -0.021 1.00 0.00 ? 4 ALA A CB   12 
ATOM   726 H H    . ALA A 1 4 ? -1.159 0.362  0.629  1.00 0.00 ? 4 ALA A H    12 
ATOM   727 H HA   . ALA A 1 4 ? -2.267 2.043  -1.319 1.00 0.00 ? 4 ALA A HA   12 
ATOM   728 H HB2  . ALA A 1 4 ? 0.087  3.290  -0.470 1.00 0.00 ? 4 ALA A HB2  12 
ATOM   729 H HB3  . ALA A 1 4 ? -1.518 3.476  0.204  1.00 0.00 ? 4 ALA A HB3  12 
ATOM   730 N N    . THR A 1 5 ? 0.638  0.768  -2.181 1.00 0.00 ? 5 THR A N    12 
ATOM   731 C CA   . THR A 1 5 ? 1.537  0.619  -3.320 1.00 0.00 ? 5 THR A CA   12 
ATOM   732 C C    . THR A 1 5 ? 0.864  -0.178 -4.432 1.00 0.00 ? 5 THR A C    12 
ATOM   733 O O    . THR A 1 5 ? -0.332 -0.395 -4.337 1.00 0.00 ? 5 THR A O    12 
ATOM   734 C CB   . THR A 1 5 ? 2.819  -0.094 -2.880 1.00 0.00 ? 5 THR A CB   12 
ATOM   735 O OG1  . THR A 1 5 ? 2.484  -1.218 -2.079 1.00 0.00 ? 5 THR A OG1  12 
ATOM   736 C CG2  . THR A 1 5 ? 3.688  0.870  -2.073 1.00 0.00 ? 5 THR A CG2  12 
ATOM   737 O OXT  . THR A 1 5 ? 1.555  -0.560 -5.362 1.00 0.00 ? 5 THR A OXT  12 
ATOM   738 H H    . THR A 1 5 ? 0.795  0.236  -1.378 1.00 0.00 ? 5 THR A H    12 
ATOM   739 H HA   . THR A 1 5 ? 1.795  1.597  -3.694 1.00 0.00 ? 5 THR A HA   12 
ATOM   740 H HB   . THR A 1 5 ? 3.366  -0.421 -3.751 1.00 0.00 ? 5 THR A HB   12 
ATOM   741 H HG1  . THR A 1 5 ? 3.299  -1.598 -1.746 1.00 0.00 ? 5 THR A HG1  12 
ATOM   742 H HG21 . THR A 1 5 ? 3.071  1.662  -1.673 1.00 0.00 ? 5 THR A HG21 12 
ATOM   743 H HG22 . THR A 1 5 ? 4.446  1.293  -2.713 1.00 0.00 ? 5 THR A HG22 12 
ATOM   744 H HG23 . THR A 1 5 ? 4.160  0.336  -1.261 1.00 0.00 ? 5 THR A HG23 12 
HETATM 745 N N    . DCY A 1 1 ? 3.422  0.665  2.148  1.00 0.00 ? 1 DCY A N    13 
HETATM 746 C CA   . DCY A 1 1 ? 2.231  0.743  1.255  1.00 0.00 ? 1 DCY A CA   13 
HETATM 747 C C    . DCY A 1 1 ? 1.245  -0.357 1.629  1.00 0.00 ? 1 DCY A C    13 
HETATM 748 O O    . DCY A 1 1 ? 1.086  -1.331 0.894  1.00 0.00 ? 1 DCY A O    13 
HETATM 749 C CB   . DCY A 1 1 ? 1.574  2.122  1.406  1.00 0.00 ? 1 DCY A CB   13 
HETATM 750 S SG   . DCY A 1 1 ? -0.232 1.942  1.522  1.00 0.00 ? 1 DCY A SG   13 
HETATM 751 H H2   . DCY A 1 1 ? 4.141  1.345  1.826  1.00 0.00 ? 1 DCY A H2   13 
HETATM 752 H H    . DCY A 1 1 ? 3.142  0.892  3.122  1.00 0.00 ? 1 DCY A H    13 
HETATM 753 H H3   . DCY A 1 1 ? 3.817  -0.297 2.117  1.00 0.00 ? 1 DCY A H3   13 
HETATM 754 H HA   . DCY A 1 1 ? 2.542  0.608  0.230  1.00 0.00 ? 1 DCY A HA   13 
HETATM 755 H HB2  . DCY A 1 1 ? 1.831  2.732  0.555  1.00 0.00 ? 1 DCY A HB2  13 
HETATM 756 H HB3  . DCY A 1 1 ? 1.943  2.595  2.305  1.00 0.00 ? 1 DCY A HB3  13 
ATOM   757 N N    . LEU A 1 2 ? 0.568  -0.184 2.760  1.00 0.00 ? 2 LEU A N    13 
ATOM   758 C CA   . LEU A 1 2 ? -0.424 -1.160 3.202  1.00 0.00 ? 2 LEU A CA   13 
ATOM   759 C C    . LEU A 1 2 ? -1.506 -1.265 2.134  1.00 0.00 ? 2 LEU A C    13 
ATOM   760 O O    . LEU A 1 2 ? -2.635 -0.813 2.329  1.00 0.00 ? 2 LEU A O    13 
ATOM   761 C CB   . LEU A 1 2 ? -1.047 -0.714 4.528  1.00 0.00 ? 2 LEU A CB   13 
ATOM   762 C CG   . LEU A 1 2 ? -0.513 -1.591 5.662  1.00 0.00 ? 2 LEU A CG   13 
ATOM   763 C CD1  . LEU A 1 2 ? -0.930 -3.043 5.422  1.00 0.00 ? 2 LEU A CD1  13 
ATOM   764 C CD2  . LEU A 1 2 ? 1.017  -1.499 5.702  1.00 0.00 ? 2 LEU A CD2  13 
ATOM   765 H H    . LEU A 1 2 ? 0.725  0.620  3.292  1.00 0.00 ? 2 LEU A H    13 
ATOM   766 H HA   . LEU A 1 2 ? 0.051  -2.122 3.339  1.00 0.00 ? 2 LEU A HA   13 
ATOM   767 H HB2  . LEU A 1 2 ? -0.790 0.318  4.718  1.00 0.00 ? 2 LEU A HB2  13 
ATOM   768 H HB3  . LEU A 1 2 ? -2.119 -0.814 4.474  1.00 0.00 ? 2 LEU A HB3  13 
ATOM   769 H HG   . LEU A 1 2 ? -0.920 -1.249 6.602  1.00 0.00 ? 2 LEU A HG   13 
ATOM   770 H HD11 . LEU A 1 2 ? -0.109 -3.586 4.980  1.00 0.00 ? 2 LEU A HD11 13 
ATOM   771 H HD12 . LEU A 1 2 ? -1.780 -3.068 4.758  1.00 0.00 ? 2 LEU A HD12 13 
ATOM   772 H HD13 . LEU A 1 2 ? -1.197 -3.499 6.365  1.00 0.00 ? 2 LEU A HD13 13 
ATOM   773 H HD21 . LEU A 1 2 ? 1.325  -1.028 6.624  1.00 0.00 ? 2 LEU A HD21 13 
ATOM   774 H HD22 . LEU A 1 2 ? 1.365  -0.911 4.864  1.00 0.00 ? 2 LEU A HD22 13 
ATOM   775 H HD23 . LEU A 1 2 ? 1.441  -2.490 5.645  1.00 0.00 ? 2 LEU A HD23 13 
ATOM   776 N N    . GLY A 1 3 ? -1.133 -1.814 0.983  1.00 0.00 ? 3 GLY A N    13 
ATOM   777 C CA   . GLY A 1 3 ? -2.050 -1.918 -0.136 1.00 0.00 ? 3 GLY A CA   13 
ATOM   778 C C    . GLY A 1 3 ? -1.958 -0.629 -0.953 1.00 0.00 ? 3 GLY A C    13 
ATOM   779 O O    . GLY A 1 3 ? -2.336 -0.595 -2.124 1.00 0.00 ? 3 GLY A O    13 
ATOM   780 H H    . GLY A 1 3 ? -0.210 -2.121 0.870  1.00 0.00 ? 3 GLY A H    13 
ATOM   781 H HA2  . GLY A 1 3 ? -1.759 -2.758 -0.755 1.00 0.00 ? 3 GLY A HA2  13 
ATOM   782 H HA3  . GLY A 1 3 ? -3.068 -2.065 0.214  1.00 0.00 ? 3 GLY A HA3  13 
ATOM   783 N N    . ALA A 1 4 ? -1.439 0.439  -0.319 1.00 0.00 ? 4 ALA A N    13 
ATOM   784 C CA   . ALA A 1 4 ? -1.291 1.725  -0.996 1.00 0.00 ? 4 ALA A CA   13 
ATOM   785 C C    . ALA A 1 4 ? -0.386 1.624  -2.233 1.00 0.00 ? 4 ALA A C    13 
ATOM   786 O O    . ALA A 1 4 ? -0.610 2.325  -3.220 1.00 0.00 ? 4 ALA A O    13 
ATOM   787 C CB   . ALA A 1 4 ? -0.734 2.767  -0.020 1.00 0.00 ? 4 ALA A CB   13 
ATOM   788 H H    . ALA A 1 4 ? -1.155 0.364  0.627  1.00 0.00 ? 4 ALA A H    13 
ATOM   789 H HA   . ALA A 1 4 ? -2.264 2.049  -1.318 1.00 0.00 ? 4 ALA A HA   13 
ATOM   790 H HB2  . ALA A 1 4 ? 0.104  3.281  -0.465 1.00 0.00 ? 4 ALA A HB2  13 
ATOM   791 H HB3  . ALA A 1 4 ? -1.505 3.484  0.199  1.00 0.00 ? 4 ALA A HB3  13 
ATOM   792 N N    . THR A 1 5 ? 0.631  0.759  -2.189 1.00 0.00 ? 5 THR A N    13 
ATOM   793 C CA   . THR A 1 5 ? 1.534  0.610  -3.325 1.00 0.00 ? 5 THR A CA   13 
ATOM   794 C C    . THR A 1 5 ? 0.769  0.131  -4.555 1.00 0.00 ? 5 THR A C    13 
ATOM   795 O O    . THR A 1 5 ? 0.676  -1.072 -4.740 1.00 0.00 ? 5 THR A O    13 
ATOM   796 C CB   . THR A 1 5 ? 2.638  -0.395 -2.987 1.00 0.00 ? 5 THR A CB   13 
ATOM   797 O OG1  . THR A 1 5 ? 2.213  -1.219 -1.911 1.00 0.00 ? 5 THR A OG1  13 
ATOM   798 C CG2  . THR A 1 5 ? 3.910  0.355  -2.588 1.00 0.00 ? 5 THR A CG2  13 
ATOM   799 O OXT  . THR A 1 5 ? 0.289  0.974  -5.295 1.00 0.00 ? 5 THR A OXT  13 
ATOM   800 H H    . THR A 1 5 ? 0.781  0.219  -1.388 1.00 0.00 ? 5 THR A H    13 
ATOM   801 H HA   . THR A 1 5 ? 1.985  1.564  -3.543 1.00 0.00 ? 5 THR A HA   13 
ATOM   802 H HB   . THR A 1 5 ? 2.842  -1.009 -3.850 1.00 0.00 ? 5 THR A HB   13 
ATOM   803 H HG1  . THR A 1 5 ? 1.356  -1.587 -2.139 1.00 0.00 ? 5 THR A HG1  13 
ATOM   804 H HG21 . THR A 1 5 ? 4.644  -0.349 -2.225 1.00 0.00 ? 5 THR A HG21 13 
ATOM   805 H HG22 . THR A 1 5 ? 3.679  1.068  -1.810 1.00 0.00 ? 5 THR A HG22 13 
ATOM   806 H HG23 . THR A 1 5 ? 4.305  0.875  -3.448 1.00 0.00 ? 5 THR A HG23 13 
HETATM 807 N N    . DCY A 1 1 ? 3.391  0.708  2.138  1.00 0.00 ? 1 DCY A N    14 
HETATM 808 C CA   . DCY A 1 1 ? 2.216  0.772  1.223  1.00 0.00 ? 1 DCY A CA   14 
HETATM 809 C C    . DCY A 1 1 ? 1.230  -0.333 1.589  1.00 0.00 ? 1 DCY A C    14 
HETATM 810 O O    . DCY A 1 1 ? 1.031  -1.271 0.817  1.00 0.00 ? 1 DCY A O    14 
HETATM 811 C CB   . DCY A 1 1 ? 1.555  2.151  1.343  1.00 0.00 ? 1 DCY A CB   14 
HETATM 812 S SG   . DCY A 1 1 ? -0.249 1.969  1.489  1.00 0.00 ? 1 DCY A SG   14 
HETATM 813 H H2   . DCY A 1 1 ? 3.071  0.450  3.095  1.00 0.00 ? 1 DCY A H2   14 
HETATM 814 H H    . DCY A 1 1 ? 4.063  -0.006 1.792  1.00 0.00 ? 1 DCY A H    14 
HETATM 815 H H3   . DCY A 1 1 ? 3.858  1.636  2.167  1.00 0.00 ? 1 DCY A H3   14 
HETATM 816 H HA   . DCY A 1 1 ? 2.547  0.626  0.206  1.00 0.00 ? 1 DCY A HA   14 
HETATM 817 H HB2  . DCY A 1 1 ? 1.796  2.736  0.473  1.00 0.00 ? 1 DCY A HB2  14 
HETATM 818 H HB3  . DCY A 1 1 ? 1.934  2.652  2.223  1.00 0.00 ? 1 DCY A HB3  14 
ATOM   819 N N    . LEU A 1 2 ? 0.600  -0.207 2.755  1.00 0.00 ? 2 LEU A N    14 
ATOM   820 C CA   . LEU A 1 2 ? -0.381 -1.198 3.192  1.00 0.00 ? 2 LEU A CA   14 
ATOM   821 C C    . LEU A 1 2 ? -1.492 -1.281 2.151  1.00 0.00 ? 2 LEU A C    14 
ATOM   822 O O    . LEU A 1 2 ? -2.614 -0.833 2.385  1.00 0.00 ? 2 LEU A O    14 
ATOM   823 C CB   . LEU A 1 2 ? -0.975 -0.793 4.545  1.00 0.00 ? 2 LEU A CB   14 
ATOM   824 C CG   . LEU A 1 2 ? -0.780 0.709  4.761  1.00 0.00 ? 2 LEU A CG   14 
ATOM   825 C CD1  . LEU A 1 2 ? -1.870 1.235  5.696  1.00 0.00 ? 2 LEU A CD1  14 
ATOM   826 C CD2  . LEU A 1 2 ? 0.593  0.957  5.388  1.00 0.00 ? 2 LEU A CD2  14 
ATOM   827 H H    . LEU A 1 2 ? 0.790  0.567  3.320  1.00 0.00 ? 2 LEU A H    14 
ATOM   828 H HA   . LEU A 1 2 ? 0.099  -2.162 3.293  1.00 0.00 ? 2 LEU A HA   14 
ATOM   829 H HB2  . LEU A 1 2 ? -2.030 -1.025 4.559  1.00 0.00 ? 2 LEU A HB2  14 
ATOM   830 H HB3  . LEU A 1 2 ? -0.476 -1.335 5.334  1.00 0.00 ? 2 LEU A HB3  14 
ATOM   831 H HG   . LEU A 1 2 ? -0.844 1.220  3.813  1.00 0.00 ? 2 LEU A HG   14 
ATOM   832 H HD11 . LEU A 1 2 ? -2.292 0.414  6.257  1.00 0.00 ? 2 LEU A HD11 14 
ATOM   833 H HD12 . LEU A 1 2 ? -2.646 1.709  5.114  1.00 0.00 ? 2 LEU A HD12 14 
ATOM   834 H HD13 . LEU A 1 2 ? -1.442 1.955  6.380  1.00 0.00 ? 2 LEU A HD13 14 
ATOM   835 H HD21 . LEU A 1 2 ? 0.529  0.830  6.459  1.00 0.00 ? 2 LEU A HD21 14 
ATOM   836 H HD22 . LEU A 1 2 ? 0.914  1.965  5.165  1.00 0.00 ? 2 LEU A HD22 14 
ATOM   837 H HD23 . LEU A 1 2 ? 1.306  0.255  4.983  1.00 0.00 ? 2 LEU A HD23 14 
ATOM   838 N N    . GLY A 1 3 ? -1.154 -1.813 0.980  1.00 0.00 ? 3 GLY A N    14 
ATOM   839 C CA   . GLY A 1 3 ? -2.101 -1.901 -0.118 1.00 0.00 ? 3 GLY A CA   14 
ATOM   840 C C    . GLY A 1 3 ? -1.995 -0.621 -0.949 1.00 0.00 ? 3 GLY A C    14 
ATOM   841 O O    . GLY A 1 3 ? -2.368 -0.600 -2.122 1.00 0.00 ? 3 GLY A O    14 
ATOM   842 H H    . GLY A 1 3 ? -0.236 -2.121 0.837  1.00 0.00 ? 3 GLY A H    14 
ATOM   843 H HA2  . GLY A 1 3 ? -1.847 -2.753 -0.735 1.00 0.00 ? 3 GLY A HA2  14 
ATOM   844 H HA3  . GLY A 1 3 ? -3.114 -2.018 0.259  1.00 0.00 ? 3 GLY A HA3  14 
ATOM   845 N N    . ALA A 1 4 ? -1.468 0.451  -0.328 1.00 0.00 ? 4 ALA A N    14 
ATOM   846 C CA   . ALA A 1 4 ? -1.307 1.726  -1.023 1.00 0.00 ? 4 ALA A CA   14 
ATOM   847 C C    . ALA A 1 4 ? -0.379 1.608  -2.240 1.00 0.00 ? 4 ALA A C    14 
ATOM   848 O O    . ALA A 1 4 ? -0.597 2.283  -3.248 1.00 0.00 ? 4 ALA A O    14 
ATOM   849 C CB   . ALA A 1 4 ? -0.773 2.782  -0.050 1.00 0.00 ? 4 ALA A CB   14 
ATOM   850 H H    . ALA A 1 4 ? -1.187 0.386  0.620  1.00 0.00 ? 4 ALA A H    14 
ATOM   851 H HA   . ALA A 1 4 ? -2.273 2.044  -1.368 1.00 0.00 ? 4 ALA A HA   14 
ATOM   852 H HB2  . ALA A 1 4 ? 0.051  3.313  -0.498 1.00 0.00 ? 4 ALA A HB2  14 
ATOM   853 H HB3  . ALA A 1 4 ? -1.561 3.481  0.172  1.00 0.00 ? 4 ALA A HB3  14 
ATOM   854 N N    . THR A 1 5 ? 0.651  0.763  -2.158 1.00 0.00 ? 5 THR A N    14 
ATOM   855 C CA   . THR A 1 5 ? 1.574  0.602  -3.275 1.00 0.00 ? 5 THR A CA   14 
ATOM   856 C C    . THR A 1 5 ? 0.840  0.079  -4.505 1.00 0.00 ? 5 THR A C    14 
ATOM   857 O O    . THR A 1 5 ? -0.148 -0.615 -4.331 1.00 0.00 ? 5 THR A O    14 
ATOM   858 C CB   . THR A 1 5 ? 2.691  -0.371 -2.894 1.00 0.00 ? 5 THR A CB   14 
ATOM   859 O OG1  . THR A 1 5 ? 3.596  -0.499 -3.981 1.00 0.00 ? 5 THR A OG1  14 
ATOM   860 C CG2  . THR A 1 5 ? 2.091  -1.739 -2.565 1.00 0.00 ? 5 THR A CG2  14 
ATOM   861 O OXT  . THR A 1 5 ? 1.277  0.378  -5.604 1.00 0.00 ? 5 THR A OXT  14 
ATOM   862 H H    . THR A 1 5 ? 0.795  0.243  -1.345 1.00 0.00 ? 5 THR A H    14 
ATOM   863 H HA   . THR A 1 5 ? 2.011  1.560  -3.510 1.00 0.00 ? 5 THR A HA   14 
ATOM   864 H HB   . THR A 1 5 ? 3.217  0.004  -2.029 1.00 0.00 ? 5 THR A HB   14 
ATOM   865 H HG1  . THR A 1 5 ? 3.189  -0.101 -4.754 1.00 0.00 ? 5 THR A HG1  14 
ATOM   866 H HG21 . THR A 1 5 ? 1.357  -2.000 -3.312 1.00 0.00 ? 5 THR A HG21 14 
ATOM   867 H HG22 . THR A 1 5 ? 1.617  -1.700 -1.595 1.00 0.00 ? 5 THR A HG22 14 
ATOM   868 H HG23 . THR A 1 5 ? 2.875  -2.483 -2.552 1.00 0.00 ? 5 THR A HG23 14 
HETATM 869 N N    . DCY A 1 1 ? 3.390  0.693  2.151  1.00 0.00 ? 1 DCY A N    15 
HETATM 870 C CA   . DCY A 1 1 ? 2.229  0.730  1.218  1.00 0.00 ? 1 DCY A CA   15 
HETATM 871 C C    . DCY A 1 1 ? 1.229  -0.355 1.607  1.00 0.00 ? 1 DCY A C    15 
HETATM 872 O O    . DCY A 1 1 ? 1.034  -1.316 0.868  1.00 0.00 ? 1 DCY A O    15 
HETATM 873 C CB   . DCY A 1 1 ? 1.579  2.118  1.272  1.00 0.00 ? 1 DCY A CB   15 
HETATM 874 S SG   . DCY A 1 1 ? -0.220 1.960  1.483  1.00 0.00 ? 1 DCY A SG   15 
HETATM 875 H H2   . DCY A 1 1 ? 4.250  0.430  1.625  1.00 0.00 ? 1 DCY A H2   15 
HETATM 876 H H    . DCY A 1 1 ? 3.520  1.630  2.582  1.00 0.00 ? 1 DCY A H    15 
HETATM 877 H H3   . DCY A 1 1 ? 3.214  -0.007 2.899  1.00 0.00 ? 1 DCY A H3   15 
HETATM 878 H HA   . DCY A 1 1 ? 2.570  0.542  0.210  1.00 0.00 ? 1 DCY A HA   15 
HETATM 879 H HB2  . DCY A 1 1 ? 1.797  2.644  0.357  1.00 0.00 ? 1 DCY A HB2  15 
HETATM 880 H HB3  . DCY A 1 1 ? 1.989  2.669  2.105  1.00 0.00 ? 1 DCY A HB3  15 
ATOM   881 N N    . LEU A 1 2 ? 0.585  -0.188 2.763  1.00 0.00 ? 2 LEU A N    15 
ATOM   882 C CA   . LEU A 1 2 ? -0.410 -1.161 3.212  1.00 0.00 ? 2 LEU A CA   15 
ATOM   883 C C    . LEU A 1 2 ? -1.503 -1.247 2.151  1.00 0.00 ? 2 LEU A C    15 
ATOM   884 O O    . LEU A 1 2 ? -2.613 -0.757 2.347  1.00 0.00 ? 2 LEU A O    15 
ATOM   885 C CB   . LEU A 1 2 ? -1.008 -0.716 4.557  1.00 0.00 ? 2 LEU A CB   15 
ATOM   886 C CG   . LEU A 1 2 ? -1.752 -1.874 5.248  1.00 0.00 ? 2 LEU A CG   15 
ATOM   887 C CD1  . LEU A 1 2 ? -3.040 -2.198 4.486  1.00 0.00 ? 2 LEU A CD1  15 
ATOM   888 C CD2  . LEU A 1 2 ? -0.868 -3.126 5.304  1.00 0.00 ? 2 LEU A CD2  15 
ATOM   889 H H    . LEU A 1 2 ? 0.768  0.605  3.305  1.00 0.00 ? 2 LEU A H    15 
ATOM   890 H HA   . LEU A 1 2 ? 0.065  -2.123 3.330  1.00 0.00 ? 2 LEU A HA   15 
ATOM   891 H HB2  . LEU A 1 2 ? -0.212 -0.373 5.202  1.00 0.00 ? 2 LEU A HB2  15 
ATOM   892 H HB3  . LEU A 1 2 ? -1.699 0.097  4.384  1.00 0.00 ? 2 LEU A HB3  15 
ATOM   893 H HG   . LEU A 1 2 ? -2.009 -1.574 6.255  1.00 0.00 ? 2 LEU A HG   15 
ATOM   894 H HD11 . LEU A 1 2 ? -2.798 -2.726 3.576  1.00 0.00 ? 2 LEU A HD11 15 
ATOM   895 H HD12 . LEU A 1 2 ? -3.559 -1.281 4.248  1.00 0.00 ? 2 LEU A HD12 15 
ATOM   896 H HD13 . LEU A 1 2 ? -3.674 -2.819 5.102  1.00 0.00 ? 2 LEU A HD13 15 
ATOM   897 H HD21 . LEU A 1 2 ? 0.167  -2.834 5.408  1.00 0.00 ? 2 LEU A HD21 15 
ATOM   898 H HD22 . LEU A 1 2 ? -0.992 -3.700 4.396  1.00 0.00 ? 2 LEU A HD22 15 
ATOM   899 H HD23 . LEU A 1 2 ? -1.157 -3.733 6.152  1.00 0.00 ? 2 LEU A HD23 15 
ATOM   900 N N    . GLY A 1 3 ? -1.160 -1.827 1.004  1.00 0.00 ? 3 GLY A N    15 
ATOM   901 C CA   . GLY A 1 3 ? -2.097 -1.920 -0.103 1.00 0.00 ? 3 GLY A CA   15 
ATOM   902 C C    . GLY A 1 3 ? -2.001 -0.641 -0.933 1.00 0.00 ? 3 GLY A C    15 
ATOM   903 O O    . GLY A 1 3 ? -2.413 -0.612 -2.093 1.00 0.00 ? 3 GLY A O    15 
ATOM   904 H H    . GLY A 1 3 ? -0.250 -2.166 0.885  1.00 0.00 ? 3 GLY A H    15 
ATOM   905 H HA2  . GLY A 1 3 ? -1.834 -2.770 -0.719 1.00 0.00 ? 3 GLY A HA2  15 
ATOM   906 H HA3  . GLY A 1 3 ? -3.110 -2.045 0.267  1.00 0.00 ? 3 GLY A HA3  15 
ATOM   907 N N    . ALA A 1 4 ? -1.448 0.423  -0.324 1.00 0.00 ? 4 ALA A N    15 
ATOM   908 C CA   . ALA A 1 4 ? -1.305 1.699  -1.020 1.00 0.00 ? 4 ALA A CA   15 
ATOM   909 C C    . ALA A 1 4 ? -0.387 1.598  -2.248 1.00 0.00 ? 4 ALA A C    15 
ATOM   910 O O    . ALA A 1 4 ? -0.645 2.248  -3.262 1.00 0.00 ? 4 ALA A O    15 
ATOM   911 C CB   . ALA A 1 4 ? -0.782 2.765  -0.046 1.00 0.00 ? 4 ALA A CB   15 
ATOM   912 H H    . ALA A 1 4 ? -1.144 0.353  0.614  1.00 0.00 ? 4 ALA A H    15 
ATOM   913 H HA   . ALA A 1 4 ? -2.275 2.006  -1.358 1.00 0.00 ? 4 ALA A HA   15 
ATOM   914 H HB2  . ALA A 1 4 ? 0.021  3.321  -0.501 1.00 0.00 ? 4 ALA A HB2  15 
ATOM   915 H HB3  . ALA A 1 4 ? -1.585 3.443  0.188  1.00 0.00 ? 4 ALA A HB3  15 
ATOM   916 N N    . THR A 1 5 ? 0.675  0.791  -2.172 1.00 0.00 ? 5 THR A N    15 
ATOM   917 C CA   . THR A 1 5 ? 1.582  0.652  -3.307 1.00 0.00 ? 5 THR A CA   15 
ATOM   918 C C    . THR A 1 5 ? 0.859  0.026  -4.495 1.00 0.00 ? 5 THR A C    15 
ATOM   919 O O    . THR A 1 5 ? -0.360 0.088  -4.520 1.00 0.00 ? 5 THR A O    15 
ATOM   920 C CB   . THR A 1 5 ? 2.781  -0.219 -2.920 1.00 0.00 ? 5 THR A CB   15 
ATOM   921 O OG1  . THR A 1 5 ? 3.695  -0.269 -4.006 1.00 0.00 ? 5 THR A OG1  15 
ATOM   922 C CG2  . THR A 1 5 ? 2.302  -1.633 -2.590 1.00 0.00 ? 5 THR A CG2  15 
ATOM   923 O OXT  . THR A 1 5 ? 1.532  -0.507 -5.362 1.00 0.00 ? 5 THR A OXT  15 
ATOM   924 H H    . THR A 1 5 ? 0.852  0.286  -1.356 1.00 0.00 ? 5 THR A H    15 
ATOM   925 H HA   . THR A 1 5 ? 1.940  1.630  -3.591 1.00 0.00 ? 5 THR A HA   15 
ATOM   926 H HB   . THR A 1 5 ? 3.269  0.203  -2.055 1.00 0.00 ? 5 THR A HB   15 
ATOM   927 H HG1  . THR A 1 5 ? 3.301  0.195  -4.748 1.00 0.00 ? 5 THR A HG1  15 
ATOM   928 H HG21 . THR A 1 5 ? 2.633  -2.313 -3.360 1.00 0.00 ? 5 THR A HG21 15 
ATOM   929 H HG22 . THR A 1 5 ? 1.223  -1.644 -2.539 1.00 0.00 ? 5 THR A HG22 15 
ATOM   930 H HG23 . THR A 1 5 ? 2.711  -1.938 -1.639 1.00 0.00 ? 5 THR A HG23 15 
# 
